data_5JZG
#
_entry.id   5JZG
#
_cell.length_a   1
_cell.length_b   1
_cell.length_c   1
_cell.angle_alpha   90
_cell.angle_beta   90
_cell.angle_gamma   90
#
_symmetry.space_group_name_H-M   'P 1'
#
loop_
_entity.id
_entity.type
_entity.pdbx_description
1 polymer 'Capsid protein VP1'
2 polymer 'Capsid protein VP3'
3 polymer 'Capsid protein VP0'
#
loop_
_entity_poly.entity_id
_entity_poly.type
_entity_poly.pdbx_seq_one_letter_code
_entity_poly.pdbx_strand_id
1 'polypeptide(L)'
;NNDDPVENFVESTLKEVLVVPDTKPSGPQHTTKPSILGAMEIGASSNATPESTIETRYVYNTNTNAEADVEMFLGRSALW
GKVTLTRQYAKWEINFQEQAHIRKKFEFFTYLRFDMEVTIVTNNKGLMQIMFVPPGIDHPETHDDRKWDSASNPSVFFQP
KSGFPRFTIPFTGLASAYYMFYDGYDKPKGSDNNEYGIAPTNDMGLLCFRTLDNSGGNDVKIYVKPKHITAWVPRPPRAT
QYTHKYSTNYHYKPNSSGPDEHVLKDRHFIKTRPLISSA
;
A
2 'polypeptide(L)'
;GLPTRLPSGSQQFMTTEDEQSPNILPGFHPSKKIHIPGMITNVMHMARVDSFIPINNIQGEVGKVSMYYITVTKKTVTER
ILVLPLEMSNTLFATTLLGEVLNYYANWSGSITITFMCVCDAFSTGKFLVAYTPPGGKLPEDRKQAMLGVHIIWDLGLQS
SCTIVVPWISSGFYRRTKADSFTHGGYVSLWYQTAFVPPVSGGTGSILATCSACPDMSVRMLRDSPMMEQKNELQ
;
B
3 'polypeptide(L)'
;GAQVSRQNNGTHENGVTASNGSVIKYFNINYYKDSASSGLSRQDFSQDPSKFTQPLVDTLTNPALMSPSVEACGYSDRLK
QITIGNSTITTQDSLHTVLAYGEWPTYLSDIDATSVDKPTHPETSADRFYTLDSVEWQVGSHGWWWKLPDALKDMGVFGQ
NMYYHSMGRSGFIIHTQCNATKFHSGALIVAVIPEHQLAYVGGVKVNVGYDHTHPGQSGHQIRGPSQSNDRSGGKPDEDP
LFNCNGTLLGNITIFPHQIINLRTNNSSTIVVPYINCVPMDNMLKHNNLSLVIIPLVPLRPGSSGINSVPITVTIAPYKS
EFSGAMEAQRQ
;
C
#
# COMPACT_ATOMS: atom_id res chain seq x y z
N ILE A 54 18.14 24.87 -25.28
CA ILE A 54 19.52 24.71 -25.72
C ILE A 54 19.95 23.25 -25.55
N GLU A 55 20.03 22.81 -24.30
CA GLU A 55 20.58 21.50 -23.99
C GLU A 55 19.79 20.41 -24.70
N THR A 56 20.50 19.38 -25.13
CA THR A 56 19.93 18.40 -26.05
C THR A 56 19.30 17.19 -25.37
N ARG A 57 19.54 16.99 -24.07
CA ARG A 57 18.75 16.09 -23.21
C ARG A 57 18.37 14.76 -23.84
N TYR A 58 19.34 13.86 -23.99
CA TYR A 58 19.08 12.50 -24.44
C TYR A 58 18.31 11.73 -23.37
N VAL A 59 17.36 10.89 -23.80
CA VAL A 59 16.76 9.95 -22.84
C VAL A 59 16.91 8.53 -23.34
N TYR A 60 16.00 8.11 -24.20
CA TYR A 60 15.83 6.77 -24.76
C TYR A 60 14.57 6.79 -25.60
N ASN A 61 14.27 5.70 -26.30
CA ASN A 61 12.91 5.55 -26.79
C ASN A 61 12.04 4.99 -25.67
N THR A 62 12.22 3.72 -25.36
CA THR A 62 11.59 3.08 -24.22
C THR A 62 12.59 2.13 -23.58
N ASN A 63 12.46 1.96 -22.28
CA ASN A 63 13.17 0.90 -21.57
C ASN A 63 12.16 -0.18 -21.24
N THR A 64 12.63 -1.27 -20.65
CA THR A 64 11.78 -2.44 -20.40
C THR A 64 10.55 -2.11 -19.57
N ASN A 65 10.76 -1.73 -18.32
CA ASN A 65 9.69 -1.51 -17.36
C ASN A 65 9.24 -0.06 -17.30
N ALA A 66 9.69 0.79 -18.22
CA ALA A 66 9.29 2.19 -18.23
C ALA A 66 7.78 2.36 -18.23
N GLU A 67 7.02 1.34 -18.60
CA GLU A 67 5.58 1.35 -18.39
C GLU A 67 5.26 1.46 -16.90
N ALA A 68 6.10 0.90 -16.05
CA ALA A 68 5.75 0.66 -14.67
C ALA A 68 6.30 1.69 -13.69
N ASP A 69 7.10 2.65 -14.13
CA ASP A 69 7.61 3.59 -13.16
C ASP A 69 6.50 4.54 -12.72
N VAL A 70 6.57 4.97 -11.46
CA VAL A 70 5.45 5.68 -10.84
C VAL A 70 5.08 6.92 -11.63
N GLU A 71 6.04 7.49 -12.36
CA GLU A 71 5.70 8.64 -13.20
C GLU A 71 4.76 8.24 -14.32
N MET A 72 5.03 7.12 -14.99
CA MET A 72 4.15 6.66 -16.06
C MET A 72 2.94 5.91 -15.53
N PHE A 73 3.07 5.26 -14.39
CA PHE A 73 1.96 4.50 -13.82
C PHE A 73 0.81 5.43 -13.48
N LEU A 74 1.10 6.49 -12.73
CA LEU A 74 0.10 7.48 -12.31
C LEU A 74 0.01 8.68 -13.23
N GLY A 75 0.82 8.74 -14.28
CA GLY A 75 0.93 9.92 -15.10
C GLY A 75 -0.07 10.00 -16.24
N ARG A 76 -1.21 9.34 -16.11
CA ARG A 76 -2.28 9.45 -17.09
C ARG A 76 -3.38 10.31 -16.51
N SER A 77 -4.04 11.07 -17.38
CA SER A 77 -5.10 11.98 -16.93
C SER A 77 -6.40 11.20 -16.83
N ALA A 78 -6.93 11.10 -15.63
CA ALA A 78 -8.13 10.33 -15.36
C ALA A 78 -9.18 11.24 -14.76
N LEU A 79 -10.42 10.75 -14.78
CA LEU A 79 -11.55 11.53 -14.31
C LEU A 79 -11.58 11.51 -12.79
N TRP A 80 -11.45 12.66 -12.15
CA TRP A 80 -11.59 12.72 -10.71
C TRP A 80 -12.96 13.17 -10.23
N GLY A 81 -13.84 13.61 -11.12
CA GLY A 81 -15.19 13.90 -10.68
C GLY A 81 -16.03 14.46 -11.81
N LYS A 82 -17.33 14.27 -11.64
CA LYS A 82 -18.35 14.74 -12.57
C LYS A 82 -19.31 15.64 -11.81
N VAL A 83 -19.67 16.76 -12.41
CA VAL A 83 -20.70 17.63 -11.84
C VAL A 83 -21.68 18.00 -12.94
N THR A 84 -22.80 18.58 -12.53
CA THR A 84 -23.85 19.02 -13.44
C THR A 84 -24.12 20.49 -13.21
N LEU A 85 -24.40 21.20 -14.30
CA LEU A 85 -24.54 22.64 -14.30
C LEU A 85 -25.95 23.12 -13.97
N THR A 86 -26.79 22.25 -13.44
CA THR A 86 -28.16 22.67 -13.13
C THR A 86 -28.18 23.98 -12.37
N ARG A 87 -29.00 24.91 -12.85
CA ARG A 87 -29.12 26.32 -12.47
C ARG A 87 -28.05 27.19 -13.12
N GLN A 88 -27.16 26.64 -13.94
CA GLN A 88 -26.00 27.28 -14.59
C GLN A 88 -24.81 27.29 -13.67
N TYR A 89 -24.93 26.79 -12.45
CA TYR A 89 -23.85 26.76 -11.48
C TYR A 89 -23.47 25.33 -11.17
N ALA A 90 -22.17 25.10 -10.96
CA ALA A 90 -21.69 23.80 -10.48
C ALA A 90 -20.44 24.03 -9.67
N LYS A 91 -20.20 23.12 -8.73
CA LYS A 91 -19.12 23.25 -7.76
C LYS A 91 -18.53 21.87 -7.48
N TRP A 92 -17.21 21.78 -7.45
CA TRP A 92 -16.55 20.52 -7.13
C TRP A 92 -15.34 20.78 -6.24
N GLU A 93 -15.34 20.17 -5.06
CA GLU A 93 -14.20 20.17 -4.16
C GLU A 93 -13.16 19.18 -4.65
N ILE A 94 -11.91 19.61 -4.81
CA ILE A 94 -10.94 18.80 -5.54
C ILE A 94 -10.50 17.63 -4.65
N ASN A 95 -10.76 16.41 -5.13
CA ASN A 95 -10.32 15.21 -4.43
C ASN A 95 -10.28 14.05 -5.42
N PHE A 96 -9.47 13.05 -5.08
CA PHE A 96 -9.44 11.79 -5.79
C PHE A 96 -10.24 10.70 -5.10
N GLN A 97 -10.92 11.02 -4.01
CA GLN A 97 -11.62 10.02 -3.21
C GLN A 97 -12.84 9.45 -3.92
N GLU A 98 -13.36 10.15 -4.92
CA GLU A 98 -14.68 9.77 -5.44
C GLU A 98 -14.60 8.59 -6.40
N GLN A 99 -13.58 8.54 -7.24
CA GLN A 99 -13.48 7.54 -8.30
C GLN A 99 -12.62 6.39 -7.81
N ALA A 100 -13.20 5.19 -7.77
CA ALA A 100 -12.56 4.09 -7.08
C ALA A 100 -11.33 3.59 -7.81
N HIS A 101 -11.30 3.70 -9.14
CA HIS A 101 -10.16 3.18 -9.89
C HIS A 101 -8.93 4.06 -9.73
N ILE A 102 -9.09 5.36 -9.88
CA ILE A 102 -7.94 6.24 -9.70
C ILE A 102 -7.58 6.31 -8.22
N ARG A 103 -8.54 6.13 -7.33
CA ARG A 103 -8.25 6.12 -5.90
C ARG A 103 -7.41 4.92 -5.53
N LYS A 104 -7.68 3.76 -6.15
CA LYS A 104 -6.92 2.56 -5.82
C LYS A 104 -5.47 2.66 -6.24
N LYS A 105 -5.17 3.44 -7.29
CA LYS A 105 -3.79 3.51 -7.75
C LYS A 105 -2.95 4.41 -6.85
N PHE A 106 -3.49 5.55 -6.43
CA PHE A 106 -2.77 6.38 -5.49
C PHE A 106 -2.53 5.67 -4.17
N GLU A 107 -3.36 4.70 -3.82
CA GLU A 107 -3.30 4.05 -2.53
C GLU A 107 -2.40 2.82 -2.52
N PHE A 108 -1.65 2.57 -3.59
CA PHE A 108 -0.48 1.73 -3.42
C PHE A 108 0.57 2.41 -2.57
N PHE A 109 0.46 3.71 -2.36
CA PHE A 109 1.52 4.50 -1.75
C PHE A 109 0.95 5.26 -0.57
N THR A 110 1.71 5.36 0.51
CA THR A 110 1.21 6.08 1.68
C THR A 110 1.31 7.60 1.50
N TYR A 111 2.33 8.07 0.79
CA TYR A 111 2.59 9.49 0.64
C TYR A 111 2.82 9.79 -0.83
N LEU A 112 2.19 10.83 -1.35
CA LEU A 112 2.49 11.29 -2.69
C LEU A 112 2.72 12.80 -2.71
N ARG A 113 3.66 13.21 -3.54
CA ARG A 113 3.95 14.61 -3.82
C ARG A 113 3.86 14.78 -5.33
N PHE A 114 2.87 15.53 -5.80
CA PHE A 114 2.70 15.67 -7.23
C PHE A 114 2.04 16.99 -7.56
N ASP A 115 2.42 17.55 -8.71
CA ASP A 115 1.61 18.56 -9.36
C ASP A 115 0.38 17.88 -9.97
N MET A 116 -0.65 18.67 -10.25
CA MET A 116 -1.74 18.13 -11.03
C MET A 116 -2.13 19.14 -12.09
N GLU A 117 -2.44 18.64 -13.29
CA GLU A 117 -3.04 19.47 -14.32
C GLU A 117 -4.48 19.03 -14.51
N VAL A 118 -5.38 20.00 -14.59
CA VAL A 118 -6.81 19.76 -14.64
C VAL A 118 -7.30 20.07 -16.03
N THR A 119 -8.07 19.16 -16.62
CA THR A 119 -8.66 19.35 -17.94
C THR A 119 -10.16 19.19 -17.85
N ILE A 120 -10.90 20.19 -18.32
CA ILE A 120 -12.33 20.27 -18.14
C ILE A 120 -13.00 19.91 -19.46
N VAL A 121 -13.73 18.80 -19.48
CA VAL A 121 -14.43 18.33 -20.66
C VAL A 121 -15.91 18.58 -20.43
N THR A 122 -16.48 19.50 -21.19
CA THR A 122 -17.87 19.92 -21.01
C THR A 122 -18.61 19.75 -22.32
N ASN A 123 -19.86 19.34 -22.24
CA ASN A 123 -20.72 19.29 -23.41
C ASN A 123 -21.57 20.55 -23.55
N ASN A 124 -21.38 21.53 -22.66
CA ASN A 124 -22.02 22.82 -22.77
C ASN A 124 -21.29 23.65 -23.82
N LYS A 125 -21.81 24.85 -24.08
CA LYS A 125 -21.28 25.66 -25.16
C LYS A 125 -21.38 27.15 -24.82
N GLY A 126 -20.80 27.96 -25.69
CA GLY A 126 -21.03 29.37 -25.83
C GLY A 126 -20.21 30.27 -24.93
N LEU A 127 -19.90 29.83 -23.71
CA LEU A 127 -18.91 30.44 -22.83
C LEU A 127 -19.01 29.77 -21.46
N MET A 128 -17.94 29.80 -20.68
CA MET A 128 -17.98 29.31 -19.32
C MET A 128 -16.88 29.99 -18.51
N GLN A 129 -17.09 29.98 -17.20
CA GLN A 129 -16.08 30.45 -16.26
C GLN A 129 -15.83 29.37 -15.24
N ILE A 130 -14.55 29.17 -14.92
CA ILE A 130 -14.12 28.34 -13.81
C ILE A 130 -13.41 29.25 -12.84
N MET A 131 -13.65 29.09 -11.55
CA MET A 131 -12.93 29.86 -10.55
C MET A 131 -12.29 28.90 -9.56
N PHE A 132 -10.96 28.93 -9.48
CA PHE A 132 -10.27 28.16 -8.46
C PHE A 132 -10.29 28.97 -7.18
N VAL A 133 -10.98 28.47 -6.17
CA VAL A 133 -11.16 29.17 -4.90
C VAL A 133 -10.12 28.60 -3.93
N PRO A 134 -9.09 29.35 -3.56
CA PRO A 134 -8.12 28.86 -2.60
C PRO A 134 -8.80 28.65 -1.25
N PRO A 135 -8.21 27.82 -0.39
CA PRO A 135 -8.88 27.51 0.88
C PRO A 135 -9.10 28.75 1.73
N GLY A 136 -10.07 28.64 2.64
CA GLY A 136 -10.22 29.61 3.70
C GLY A 136 -11.11 30.79 3.42
N ILE A 137 -11.83 30.78 2.31
CA ILE A 137 -12.77 31.85 1.97
C ILE A 137 -14.05 31.21 1.47
N ASP A 138 -15.02 32.05 1.13
CA ASP A 138 -16.32 31.57 0.69
C ASP A 138 -16.38 31.64 -0.84
N HIS A 139 -16.75 30.54 -1.44
CA HIS A 139 -16.88 30.42 -2.87
C HIS A 139 -18.21 30.99 -3.34
N PRO A 140 -18.33 31.34 -4.61
CA PRO A 140 -19.62 31.77 -5.15
C PRO A 140 -20.65 30.66 -5.04
N GLU A 141 -21.81 30.99 -4.48
CA GLU A 141 -22.85 30.00 -4.25
C GLU A 141 -23.83 29.85 -5.40
N THR A 142 -23.85 30.80 -6.33
CA THR A 142 -24.76 30.78 -7.47
C THR A 142 -24.08 31.51 -8.62
N HIS A 143 -24.64 31.34 -9.81
CA HIS A 143 -24.31 32.30 -10.85
C HIS A 143 -24.95 33.63 -10.47
N ASP A 144 -24.48 34.71 -11.09
CA ASP A 144 -24.93 36.05 -10.71
C ASP A 144 -24.64 36.35 -9.26
N ASP A 145 -23.63 35.70 -8.69
CA ASP A 145 -23.19 36.01 -7.35
C ASP A 145 -22.09 37.05 -7.43
N ARG A 146 -22.15 38.04 -6.55
CA ARG A 146 -21.18 39.12 -6.58
C ARG A 146 -19.76 38.61 -6.39
N LYS A 147 -19.59 37.45 -5.75
CA LYS A 147 -18.27 36.87 -5.52
C LYS A 147 -17.64 36.29 -6.76
N TRP A 148 -18.33 36.27 -7.90
CA TRP A 148 -17.65 35.93 -9.14
C TRP A 148 -16.76 37.05 -9.63
N ASP A 149 -16.79 38.20 -8.98
CA ASP A 149 -15.91 39.31 -9.30
C ASP A 149 -14.84 39.33 -8.23
N SER A 150 -13.63 38.92 -8.59
CA SER A 150 -12.57 38.71 -7.62
C SER A 150 -11.29 39.30 -8.16
N ALA A 151 -10.69 40.21 -7.39
CA ALA A 151 -9.44 40.80 -7.82
C ALA A 151 -8.30 39.78 -7.81
N SER A 152 -8.47 38.68 -7.09
CA SER A 152 -7.37 37.81 -6.69
C SER A 152 -7.60 36.35 -7.06
N ASN A 153 -8.71 35.75 -6.62
CA ASN A 153 -8.97 34.35 -6.88
C ASN A 153 -8.77 34.04 -8.37
N PRO A 154 -7.92 33.08 -8.71
CA PRO A 154 -7.65 32.82 -10.13
C PRO A 154 -8.84 32.14 -10.78
N SER A 155 -9.15 32.58 -12.00
CA SER A 155 -10.28 32.04 -12.73
C SER A 155 -9.88 31.93 -14.20
N VAL A 156 -10.61 31.08 -14.92
CA VAL A 156 -10.30 30.79 -16.32
C VAL A 156 -11.59 30.79 -17.13
N PHE A 157 -11.64 31.64 -18.13
CA PHE A 157 -12.73 31.71 -19.10
C PHE A 157 -12.39 30.88 -20.32
N PHE A 158 -13.40 30.26 -20.90
CA PHE A 158 -13.18 29.52 -22.12
C PHE A 158 -14.50 29.39 -22.86
N GLN A 159 -14.40 29.07 -24.14
CA GLN A 159 -15.57 28.79 -24.94
C GLN A 159 -15.52 27.33 -25.36
N PRO A 160 -16.37 26.47 -24.81
CA PRO A 160 -16.13 25.03 -24.89
C PRO A 160 -15.96 24.49 -26.28
N LYS A 161 -16.49 25.17 -27.29
CA LYS A 161 -16.36 24.69 -28.66
C LYS A 161 -14.99 24.98 -29.26
N SER A 162 -14.22 25.87 -28.64
CA SER A 162 -12.88 26.17 -29.12
C SER A 162 -11.90 25.06 -28.76
N GLY A 163 -11.72 24.81 -27.47
CA GLY A 163 -10.84 23.74 -27.04
C GLY A 163 -11.23 23.28 -25.66
N PHE A 164 -10.39 22.42 -25.09
CA PHE A 164 -10.56 21.98 -23.72
C PHE A 164 -9.64 22.79 -22.82
N PRO A 165 -10.14 23.47 -21.81
CA PRO A 165 -9.26 24.28 -20.97
C PRO A 165 -8.40 23.41 -20.07
N ARG A 166 -7.15 23.80 -19.91
CA ARG A 166 -6.22 23.06 -19.07
C ARG A 166 -5.34 24.03 -18.32
N PHE A 167 -5.12 23.75 -17.04
CA PHE A 167 -4.22 24.52 -16.20
C PHE A 167 -3.52 23.55 -15.26
N THR A 168 -2.61 24.08 -14.45
CA THR A 168 -1.82 23.28 -13.55
C THR A 168 -1.93 23.82 -12.13
N ILE A 169 -2.11 22.93 -11.18
CA ILE A 169 -2.08 23.27 -9.76
C ILE A 169 -0.82 22.64 -9.17
N PRO A 170 0.18 23.43 -8.79
CA PRO A 170 1.42 22.82 -8.26
C PRO A 170 1.16 22.14 -6.93
N PHE A 171 2.21 21.68 -6.26
CA PHE A 171 1.99 20.91 -5.04
C PHE A 171 1.68 21.86 -3.90
N THR A 172 0.46 21.75 -3.39
CA THR A 172 -0.05 22.60 -2.31
C THR A 172 0.02 21.92 -0.95
N GLY A 173 0.62 20.74 -0.87
CA GLY A 173 0.31 19.79 0.18
C GLY A 173 0.40 20.30 1.59
N LEU A 174 1.24 21.32 1.83
CA LEU A 174 1.39 21.97 3.13
C LEU A 174 2.20 21.10 4.10
N ALA A 175 2.28 19.80 3.83
CA ALA A 175 2.99 18.85 4.66
C ALA A 175 4.31 18.36 4.08
N SER A 176 4.68 18.76 2.87
CA SER A 176 5.78 18.27 2.04
C SER A 176 5.40 17.02 1.26
N ALA A 177 4.27 16.39 1.54
CA ALA A 177 3.69 15.36 0.69
C ALA A 177 2.23 15.22 1.07
N TYR A 178 1.47 14.62 0.18
CA TYR A 178 0.07 14.33 0.47
C TYR A 178 -0.04 13.04 1.25
N TYR A 179 -0.88 13.06 2.28
CA TYR A 179 -1.23 11.83 2.97
C TYR A 179 -2.28 11.09 2.17
N MET A 180 -1.97 9.87 1.76
CA MET A 180 -3.01 9.00 1.23
C MET A 180 -3.77 8.34 2.37
N PHE A 181 -3.06 8.01 3.46
CA PHE A 181 -3.61 7.41 4.66
C PHE A 181 -3.01 8.11 5.86
N TYR A 182 -3.86 8.57 6.77
CA TYR A 182 -3.41 9.29 7.95
C TYR A 182 -4.10 8.69 9.16
N ASP A 183 -3.31 8.22 10.12
CA ASP A 183 -3.75 7.40 11.23
C ASP A 183 -4.17 8.23 12.44
N GLY A 184 -4.39 9.52 12.28
CA GLY A 184 -4.52 10.39 13.41
C GLY A 184 -5.60 11.43 13.21
N TYR A 185 -5.83 12.19 14.27
CA TYR A 185 -6.98 13.06 14.44
C TYR A 185 -6.52 14.51 14.38
N ASP A 186 -7.42 15.39 13.96
CA ASP A 186 -7.07 16.80 13.97
C ASP A 186 -7.21 17.42 15.36
N LYS A 187 -8.28 17.11 16.06
CA LYS A 187 -8.49 17.69 17.38
C LYS A 187 -7.90 16.81 18.46
N PRO A 188 -7.64 17.36 19.64
CA PRO A 188 -7.08 16.53 20.73
C PRO A 188 -8.01 15.45 21.24
N LYS A 189 -7.61 14.79 22.33
CA LYS A 189 -8.31 13.66 22.88
C LYS A 189 -9.78 13.93 23.14
N GLY A 190 -10.08 14.75 24.15
CA GLY A 190 -11.45 14.87 24.60
C GLY A 190 -12.38 15.57 23.64
N SER A 191 -11.86 16.11 22.54
CA SER A 191 -12.66 16.91 21.63
C SER A 191 -13.86 16.13 21.13
N ASP A 192 -14.96 16.86 20.91
CA ASP A 192 -16.23 16.18 20.69
C ASP A 192 -16.33 15.62 19.29
N ASN A 193 -15.96 16.39 18.27
CA ASN A 193 -16.01 15.90 16.89
C ASN A 193 -14.60 15.79 16.33
N ASN A 194 -14.12 14.56 16.21
CA ASN A 194 -12.79 14.26 15.69
C ASN A 194 -12.91 13.67 14.30
N GLU A 195 -12.32 14.35 13.32
CA GLU A 195 -12.23 13.78 11.99
C GLU A 195 -11.01 12.87 11.95
N TYR A 196 -11.22 11.64 11.51
CA TYR A 196 -10.16 10.64 11.44
C TYR A 196 -9.78 10.44 9.98
N GLY A 197 -8.49 10.28 9.73
CA GLY A 197 -8.01 10.13 8.39
C GLY A 197 -7.48 11.41 7.80
N ILE A 198 -7.39 11.42 6.47
CA ILE A 198 -6.70 12.49 5.76
C ILE A 198 -7.58 13.69 5.47
N ALA A 199 -8.82 13.70 5.92
CA ALA A 199 -9.70 14.80 5.57
C ALA A 199 -9.20 16.14 6.09
N PRO A 200 -8.79 16.27 7.36
CA PRO A 200 -8.25 17.55 7.81
C PRO A 200 -6.88 17.86 7.26
N THR A 201 -6.13 16.88 6.77
CA THR A 201 -4.72 17.11 6.49
C THR A 201 -4.52 18.09 5.35
N ASN A 202 -5.43 18.13 4.38
CA ASN A 202 -5.35 19.17 3.38
C ASN A 202 -6.73 19.47 2.81
N ASP A 203 -6.76 20.50 1.97
CA ASP A 203 -7.80 20.68 0.97
C ASP A 203 -7.13 21.27 -0.25
N MET A 204 -7.42 20.69 -1.41
CA MET A 204 -6.75 21.09 -2.63
C MET A 204 -7.46 22.24 -3.31
N GLY A 205 -8.44 22.83 -2.64
CA GLY A 205 -9.23 23.91 -3.19
C GLY A 205 -10.57 23.41 -3.66
N LEU A 206 -11.23 24.25 -4.44
CA LEU A 206 -12.40 23.79 -5.17
C LEU A 206 -12.53 24.59 -6.45
N LEU A 207 -13.30 24.03 -7.38
CA LEU A 207 -13.53 24.60 -8.69
C LEU A 207 -15.00 24.96 -8.79
N CYS A 208 -15.28 26.24 -8.96
CA CYS A 208 -16.64 26.71 -9.20
C CYS A 208 -16.83 26.92 -10.68
N PHE A 209 -17.98 26.47 -11.20
CA PHE A 209 -18.30 26.56 -12.61
C PHE A 209 -19.57 27.36 -12.77
N ARG A 210 -19.58 28.32 -13.69
CA ARG A 210 -20.82 28.91 -14.14
C ARG A 210 -20.83 28.96 -15.66
N THR A 211 -22.01 29.24 -16.19
CA THR A 211 -22.21 29.29 -17.63
C THR A 211 -22.84 30.63 -17.97
N LEU A 212 -22.14 31.41 -18.79
CA LEU A 212 -22.66 32.72 -19.19
C LEU A 212 -23.64 32.63 -20.36
N ASP A 213 -23.44 31.67 -21.27
CA ASP A 213 -24.38 31.34 -22.34
C ASP A 213 -24.81 29.90 -22.18
N ASN A 214 -26.08 29.68 -21.80
CA ASN A 214 -26.56 28.35 -21.46
C ASN A 214 -26.33 27.32 -22.59
N SER A 215 -26.98 27.50 -23.73
CA SER A 215 -26.76 26.63 -24.89
C SER A 215 -26.93 25.14 -24.57
N GLY A 216 -25.85 24.37 -24.67
CA GLY A 216 -25.92 22.92 -24.72
C GLY A 216 -25.99 22.23 -23.37
N GLY A 217 -25.41 21.03 -23.31
CA GLY A 217 -25.58 20.15 -22.18
C GLY A 217 -25.02 20.70 -20.88
N ASN A 218 -25.37 20.02 -19.80
CA ASN A 218 -25.01 20.44 -18.45
C ASN A 218 -23.83 19.70 -17.85
N ASP A 219 -23.25 18.73 -18.54
CA ASP A 219 -22.39 17.75 -17.90
C ASP A 219 -20.94 18.19 -17.97
N VAL A 220 -20.32 18.42 -16.82
CA VAL A 220 -18.91 18.75 -16.73
C VAL A 220 -18.15 17.52 -16.27
N LYS A 221 -16.96 17.33 -16.80
CA LYS A 221 -16.08 16.24 -16.41
C LYS A 221 -14.70 16.80 -16.13
N ILE A 222 -14.13 16.45 -14.99
CA ILE A 222 -12.82 16.96 -14.57
C ILE A 222 -11.83 15.82 -14.67
N TYR A 223 -10.92 15.91 -15.63
CA TYR A 223 -9.83 14.95 -15.79
C TYR A 223 -8.55 15.60 -15.28
N VAL A 224 -7.88 14.97 -14.33
CA VAL A 224 -6.61 15.52 -13.92
C VAL A 224 -5.53 14.47 -14.06
N LYS A 225 -4.31 14.94 -14.30
CA LYS A 225 -3.13 14.11 -14.51
C LYS A 225 -2.10 14.41 -13.44
N PRO A 226 -1.79 13.48 -12.54
CA PRO A 226 -0.67 13.72 -11.64
C PRO A 226 0.61 13.81 -12.45
N LYS A 227 1.39 14.86 -12.22
CA LYS A 227 2.67 14.97 -12.88
C LYS A 227 3.71 15.37 -11.87
N HIS A 228 4.97 15.04 -12.17
CA HIS A 228 6.08 15.29 -11.28
C HIS A 228 5.91 14.52 -9.97
N ILE A 229 5.49 13.27 -10.09
CA ILE A 229 5.07 12.47 -8.94
C ILE A 229 6.28 12.02 -8.15
N THR A 230 6.16 12.04 -6.83
CA THR A 230 7.10 11.39 -5.93
C THR A 230 6.28 10.60 -4.93
N ALA A 231 6.42 9.28 -4.96
CA ALA A 231 5.64 8.39 -4.12
C ALA A 231 6.56 7.70 -3.13
N TRP A 232 6.06 7.44 -1.93
CA TRP A 232 7.02 7.01 -0.92
C TRP A 232 6.76 5.62 -0.37
N VAL A 233 5.85 5.44 0.58
CA VAL A 233 5.77 4.18 1.33
C VAL A 233 4.75 3.28 0.64
N PRO A 234 5.17 2.13 0.10
CA PRO A 234 4.24 1.27 -0.62
C PRO A 234 3.29 0.55 0.32
N ARG A 235 2.10 0.28 -0.16
CA ARG A 235 1.05 -0.37 0.63
C ARG A 235 0.45 -1.51 -0.19
N PRO A 236 -0.26 -2.42 0.45
CA PRO A 236 -0.95 -3.45 -0.29
C PRO A 236 -2.04 -2.83 -1.14
N PRO A 237 -2.25 -3.34 -2.35
CA PRO A 237 -3.39 -2.88 -3.13
C PRO A 237 -4.67 -3.16 -2.37
N ARG A 238 -5.67 -2.33 -2.59
CA ARG A 238 -6.93 -2.56 -1.90
C ARG A 238 -7.63 -3.77 -2.49
N ALA A 239 -8.15 -4.62 -1.62
CA ALA A 239 -8.82 -5.85 -2.03
C ALA A 239 -10.32 -5.73 -2.05
N THR A 240 -10.88 -4.55 -1.80
CA THR A 240 -12.29 -4.49 -1.47
C THR A 240 -12.87 -3.20 -2.04
N GLN A 241 -14.16 -3.22 -2.38
CA GLN A 241 -14.77 -2.05 -2.99
C GLN A 241 -15.03 -0.97 -1.95
N TYR A 242 -14.62 0.27 -2.27
CA TYR A 242 -14.78 1.39 -1.37
C TYR A 242 -16.25 1.63 -1.10
N THR A 243 -16.61 1.81 0.17
CA THR A 243 -17.97 2.23 0.47
C THR A 243 -18.12 3.69 0.85
N HIS A 244 -17.04 4.46 0.98
CA HIS A 244 -17.16 5.86 1.39
C HIS A 244 -16.00 6.68 0.84
N LYS A 245 -16.04 7.98 1.11
CA LYS A 245 -14.96 8.91 0.79
C LYS A 245 -14.17 9.21 2.05
N TYR A 246 -12.85 9.33 1.90
CA TYR A 246 -11.95 9.66 2.99
C TYR A 246 -11.94 8.58 4.06
N SER A 247 -12.78 7.56 3.92
CA SER A 247 -12.87 6.48 4.87
C SER A 247 -12.38 5.19 4.24
N THR A 248 -11.64 4.43 5.02
CA THR A 248 -11.03 3.20 4.56
C THR A 248 -11.91 1.97 4.81
N ASN A 249 -13.14 2.15 5.27
CA ASN A 249 -13.99 1.03 5.64
C ASN A 249 -14.65 0.41 4.42
N TYR A 250 -14.64 -0.91 4.39
CA TYR A 250 -15.11 -1.71 3.27
C TYR A 250 -16.48 -2.36 3.44
N HIS A 251 -17.13 -2.24 4.61
CA HIS A 251 -18.39 -2.93 4.82
C HIS A 251 -19.52 -2.15 4.16
N TYR A 252 -20.30 -2.83 3.33
CA TYR A 252 -21.15 -2.10 2.40
C TYR A 252 -22.46 -1.62 3.01
N LYS A 253 -23.14 -2.45 3.80
CA LYS A 253 -24.49 -2.10 4.28
C LYS A 253 -25.43 -1.85 3.11
N PRO A 254 -25.87 -2.91 2.42
CA PRO A 254 -26.66 -2.70 1.19
C PRO A 254 -27.98 -1.96 1.39
N ASN A 255 -28.77 -2.35 2.38
CA ASN A 255 -30.15 -1.90 2.44
C ASN A 255 -30.34 -0.77 3.44
N SER A 256 -31.54 -0.22 3.45
CA SER A 256 -31.90 0.85 4.38
C SER A 256 -33.27 0.63 5.02
N SER A 257 -34.32 0.65 4.18
CA SER A 257 -35.66 0.96 4.68
C SER A 257 -36.22 -0.17 5.56
N GLY A 258 -36.25 -1.39 5.05
CA GLY A 258 -37.05 -2.43 5.64
C GLY A 258 -36.30 -3.53 6.37
N PRO A 259 -36.93 -4.69 6.48
CA PRO A 259 -36.31 -5.84 7.15
C PRO A 259 -35.09 -6.34 6.39
N ASP A 260 -34.35 -7.22 7.07
CA ASP A 260 -33.08 -7.78 6.58
C ASP A 260 -32.04 -6.69 6.41
N GLU A 261 -32.21 -5.59 7.12
CA GLU A 261 -31.21 -4.56 7.22
C GLU A 261 -30.10 -5.01 8.17
N HIS A 262 -28.95 -4.36 8.08
CA HIS A 262 -27.80 -4.47 8.96
C HIS A 262 -26.95 -5.70 8.66
N VAL A 263 -27.36 -6.56 7.74
CA VAL A 263 -26.41 -7.50 7.14
C VAL A 263 -25.64 -6.74 6.07
N LEU A 264 -24.31 -6.81 6.16
CA LEU A 264 -23.44 -6.02 5.32
C LEU A 264 -22.36 -6.90 4.71
N LYS A 265 -21.85 -6.46 3.57
CA LYS A 265 -21.03 -7.29 2.70
C LYS A 265 -19.60 -6.78 2.64
N ASP A 266 -18.68 -7.69 2.37
CA ASP A 266 -17.31 -7.28 2.13
C ASP A 266 -17.13 -6.74 0.72
N ARG A 267 -17.63 -7.46 -0.30
CA ARG A 267 -17.45 -7.07 -1.71
C ARG A 267 -15.99 -7.19 -2.15
N HIS A 268 -15.35 -8.29 -1.79
CA HIS A 268 -13.97 -8.50 -2.18
C HIS A 268 -13.87 -9.14 -3.55
N PHE A 269 -12.64 -9.23 -4.05
CA PHE A 269 -12.36 -9.74 -5.38
C PHE A 269 -11.83 -11.18 -5.41
N ILE A 270 -11.72 -11.83 -4.28
CA ILE A 270 -11.28 -13.23 -4.26
C ILE A 270 -12.45 -14.12 -4.68
N LYS A 271 -12.20 -15.01 -5.63
CA LYS A 271 -13.19 -16.01 -6.00
C LYS A 271 -12.57 -17.39 -5.90
N THR A 272 -13.44 -18.39 -5.75
CA THR A 272 -13.04 -19.71 -5.31
C THR A 272 -12.62 -20.60 -6.47
N ARG A 273 -12.27 -21.84 -6.14
CA ARG A 273 -12.05 -22.91 -7.11
C ARG A 273 -12.57 -24.20 -6.49
N PRO A 274 -13.05 -25.14 -7.32
CA PRO A 274 -13.70 -26.33 -6.74
C PRO A 274 -12.78 -27.17 -5.87
N LEU A 275 -11.57 -27.44 -6.33
CA LEU A 275 -10.62 -28.27 -5.61
C LEU A 275 -9.24 -27.66 -5.72
N ILE A 276 -8.54 -27.56 -4.59
CA ILE A 276 -7.09 -27.43 -4.67
C ILE A 276 -6.59 -28.73 -5.30
N SER A 277 -5.49 -28.62 -6.04
CA SER A 277 -4.81 -29.71 -6.73
C SER A 277 -5.48 -30.11 -8.03
N SER A 278 -6.71 -29.70 -8.28
CA SER A 278 -7.36 -30.03 -9.54
C SER A 278 -7.30 -28.90 -10.55
N ALA A 279 -6.72 -27.76 -10.18
CA ALA A 279 -6.72 -26.59 -11.06
C ALA A 279 -5.94 -26.84 -12.34
N GLY B 1 1.58 35.48 -41.46
CA GLY B 1 3.01 35.53 -41.28
C GLY B 1 3.73 34.23 -41.59
N LEU B 2 4.07 33.48 -40.54
CA LEU B 2 4.76 32.20 -40.76
C LEU B 2 3.76 31.15 -41.21
N PRO B 3 4.02 30.44 -42.28
CA PRO B 3 3.05 29.45 -42.77
C PRO B 3 3.02 28.19 -41.91
N THR B 4 2.28 28.21 -40.82
CA THR B 4 2.05 26.99 -40.07
C THR B 4 0.89 26.20 -40.66
N ARG B 5 0.90 24.90 -40.40
CA ARG B 5 -0.24 24.04 -40.73
C ARG B 5 -0.63 23.25 -39.49
N LEU B 6 -1.93 23.03 -39.36
CA LEU B 6 -2.44 22.19 -38.27
C LEU B 6 -2.85 20.84 -38.84
N PRO B 7 -2.08 19.80 -38.63
CA PRO B 7 -2.46 18.49 -39.17
C PRO B 7 -3.62 17.88 -38.41
N SER B 8 -3.91 16.61 -38.69
CA SER B 8 -4.91 15.89 -37.92
C SER B 8 -4.31 15.45 -36.60
N GLY B 9 -5.09 15.56 -35.53
CA GLY B 9 -4.57 15.31 -34.22
C GLY B 9 -3.94 16.52 -33.56
N SER B 10 -4.37 17.71 -33.95
CA SER B 10 -3.85 18.95 -33.38
C SER B 10 -4.71 19.42 -32.21
N GLN B 11 -5.99 19.70 -32.45
CA GLN B 11 -6.92 20.13 -31.40
C GLN B 11 -7.47 18.98 -30.58
N GLN B 12 -6.95 17.78 -30.81
CA GLN B 12 -7.27 16.60 -30.03
C GLN B 12 -6.99 16.80 -28.54
N PHE B 13 -7.73 16.08 -27.70
CA PHE B 13 -7.36 15.86 -26.30
C PHE B 13 -7.21 14.38 -26.03
N MET B 14 -5.98 13.94 -25.82
CA MET B 14 -5.65 12.54 -25.57
C MET B 14 -5.30 12.39 -24.10
N THR B 15 -6.03 11.51 -23.41
CA THR B 15 -5.74 11.22 -22.01
C THR B 15 -4.26 10.93 -21.77
N THR B 16 -3.65 10.16 -22.64
CA THR B 16 -2.33 9.62 -22.38
C THR B 16 -1.21 10.46 -22.99
N GLU B 17 -1.52 11.64 -23.52
CA GLU B 17 -0.51 12.48 -24.16
C GLU B 17 0.40 13.12 -23.11
N ASP B 18 1.39 13.87 -23.58
CA ASP B 18 2.33 14.57 -22.72
C ASP B 18 2.51 15.99 -23.24
N GLU B 19 2.06 16.97 -22.46
CA GLU B 19 2.02 18.36 -22.91
C GLU B 19 2.19 19.28 -21.73
N GLN B 20 2.81 20.42 -21.97
CA GLN B 20 2.96 21.44 -20.95
C GLN B 20 1.67 22.23 -20.82
N SER B 21 1.45 22.80 -19.65
CA SER B 21 0.19 23.44 -19.34
C SER B 21 0.46 24.69 -18.52
N PRO B 22 -0.37 25.71 -18.66
CA PRO B 22 -0.14 26.93 -17.90
C PRO B 22 -0.36 26.71 -16.42
N ASN B 23 0.43 27.41 -15.61
CA ASN B 23 0.33 27.28 -14.16
C ASN B 23 -0.61 28.34 -13.63
N ILE B 24 -1.79 27.91 -13.21
CA ILE B 24 -2.60 28.75 -12.35
C ILE B 24 -1.87 28.82 -11.02
N LEU B 25 -2.07 29.91 -10.27
CA LEU B 25 -1.27 30.16 -9.07
C LEU B 25 0.21 30.33 -9.40
N PRO B 26 0.60 31.35 -10.13
CA PRO B 26 2.01 31.54 -10.44
C PRO B 26 2.76 32.13 -9.25
N GLY B 27 4.07 31.87 -9.23
CA GLY B 27 4.88 32.26 -8.10
C GLY B 27 4.63 31.47 -6.85
N PHE B 28 3.77 30.46 -6.89
CA PHE B 28 3.48 29.65 -5.73
C PHE B 28 4.72 28.86 -5.32
N HIS B 29 4.99 28.85 -4.03
CA HIS B 29 6.22 28.27 -3.52
C HIS B 29 5.92 26.93 -2.86
N PRO B 30 6.29 25.80 -3.48
CA PRO B 30 5.97 24.50 -2.87
C PRO B 30 6.75 24.28 -1.59
N SER B 31 6.10 23.66 -0.62
CA SER B 31 6.74 23.33 0.64
C SER B 31 7.92 22.40 0.42
N LYS B 32 8.96 22.56 1.22
CA LYS B 32 10.21 21.90 0.94
C LYS B 32 10.06 20.39 1.03
N LYS B 33 10.93 19.69 0.32
CA LYS B 33 10.86 18.24 0.19
C LYS B 33 11.91 17.63 1.10
N ILE B 34 11.47 16.99 2.18
CA ILE B 34 12.39 16.40 3.13
C ILE B 34 12.69 14.98 2.69
N HIS B 35 13.40 14.24 3.53
CA HIS B 35 13.77 12.87 3.22
C HIS B 35 12.82 11.94 3.98
N ILE B 36 11.94 11.29 3.23
CA ILE B 36 10.99 10.33 3.79
C ILE B 36 11.50 8.92 3.47
N PRO B 37 11.56 8.02 4.44
CA PRO B 37 12.04 6.67 4.15
C PRO B 37 11.09 5.93 3.23
N GLY B 38 11.66 5.16 2.32
CA GLY B 38 10.89 4.22 1.55
C GLY B 38 10.52 4.59 0.14
N MET B 39 11.16 5.60 -0.45
CA MET B 39 10.82 6.04 -1.79
C MET B 39 10.75 4.87 -2.76
N ILE B 40 9.68 4.82 -3.55
CA ILE B 40 9.52 3.83 -4.60
C ILE B 40 9.39 4.55 -5.93
N THR B 41 10.34 4.30 -6.82
CA THR B 41 10.37 4.97 -8.12
C THR B 41 9.69 4.19 -9.23
N ASN B 42 9.35 2.93 -9.00
CA ASN B 42 8.82 2.05 -10.03
C ASN B 42 7.93 1.03 -9.36
N VAL B 43 6.83 0.67 -10.02
CA VAL B 43 5.84 -0.19 -9.37
C VAL B 43 6.14 -1.66 -9.56
N MET B 44 7.13 -2.00 -10.38
CA MET B 44 7.58 -3.38 -10.44
C MET B 44 8.30 -3.81 -9.20
N HIS B 45 8.87 -2.88 -8.43
CA HIS B 45 9.57 -3.25 -7.23
C HIS B 45 8.63 -3.71 -6.13
N MET B 46 7.33 -3.41 -6.25
CA MET B 46 6.35 -4.03 -5.38
C MET B 46 6.12 -5.48 -5.76
N ALA B 47 6.10 -5.78 -7.06
CA ALA B 47 5.94 -7.14 -7.52
C ALA B 47 7.10 -8.03 -7.10
N ARG B 48 8.24 -7.44 -6.78
CA ARG B 48 9.43 -8.19 -6.36
C ARG B 48 9.31 -8.72 -4.96
N VAL B 49 8.41 -8.18 -4.16
CA VAL B 49 8.29 -8.54 -2.75
C VAL B 49 7.43 -9.78 -2.63
N ASP B 50 7.90 -10.76 -1.86
CA ASP B 50 7.14 -11.96 -1.61
C ASP B 50 5.77 -11.62 -1.05
N SER B 51 4.77 -12.39 -1.46
CA SER B 51 3.43 -12.22 -0.94
C SER B 51 2.74 -13.58 -0.96
N PHE B 52 1.94 -13.85 0.05
CA PHE B 52 1.36 -15.18 0.16
C PHE B 52 0.26 -15.38 -0.87
N ILE B 53 0.29 -16.54 -1.52
CA ILE B 53 -0.72 -16.92 -2.49
C ILE B 53 -1.89 -17.54 -1.73
N PRO B 54 -3.12 -17.16 -2.00
CA PRO B 54 -4.24 -17.86 -1.37
C PRO B 54 -4.42 -19.25 -1.95
N ILE B 55 -3.51 -20.16 -1.61
CA ILE B 55 -3.50 -21.46 -2.27
C ILE B 55 -4.67 -22.31 -1.86
N ASN B 56 -5.27 -22.07 -0.71
CA ASN B 56 -6.51 -22.74 -0.35
C ASN B 56 -7.61 -21.72 -0.53
N ASN B 57 -8.30 -21.76 -1.66
CA ASN B 57 -9.49 -20.94 -1.85
C ASN B 57 -10.59 -21.87 -2.33
N ILE B 58 -11.54 -22.14 -1.45
CA ILE B 58 -12.58 -23.11 -1.72
C ILE B 58 -13.85 -22.54 -1.11
N GLN B 59 -14.92 -23.34 -1.07
CA GLN B 59 -16.19 -22.82 -0.61
C GLN B 59 -16.07 -22.19 0.78
N GLY B 60 -15.57 -22.95 1.74
CA GLY B 60 -15.56 -22.48 3.11
C GLY B 60 -14.40 -21.58 3.48
N GLU B 61 -13.23 -21.79 2.87
CA GLU B 61 -12.01 -21.17 3.35
C GLU B 61 -11.80 -19.76 2.84
N VAL B 62 -12.53 -19.32 1.82
CA VAL B 62 -12.33 -17.99 1.28
C VAL B 62 -12.93 -16.96 2.23
N GLY B 63 -12.20 -15.87 2.45
CA GLY B 63 -12.61 -14.86 3.38
C GLY B 63 -12.04 -15.01 4.77
N LYS B 64 -11.16 -15.99 4.97
CA LYS B 64 -10.58 -16.26 6.27
C LYS B 64 -9.08 -16.43 6.12
N VAL B 65 -8.38 -16.40 7.25
CA VAL B 65 -6.93 -16.53 7.22
C VAL B 65 -6.52 -17.94 6.82
N SER B 66 -7.39 -18.92 7.01
CA SER B 66 -7.09 -20.29 6.65
C SER B 66 -7.04 -20.50 5.16
N MET B 67 -7.35 -19.46 4.37
CA MET B 67 -7.28 -19.57 2.92
C MET B 67 -5.86 -19.59 2.41
N TYR B 68 -4.87 -19.36 3.26
CA TYR B 68 -3.50 -19.29 2.82
C TYR B 68 -2.69 -20.56 3.00
N TYR B 69 -3.23 -21.58 3.66
CA TYR B 69 -2.40 -22.75 3.94
C TYR B 69 -3.11 -24.06 3.64
N ILE B 70 -2.30 -25.03 3.22
CA ILE B 70 -2.74 -26.38 2.86
C ILE B 70 -2.30 -27.33 3.95
N THR B 71 -3.13 -28.33 4.22
CA THR B 71 -2.83 -29.36 5.20
C THR B 71 -2.24 -30.57 4.52
N VAL B 72 -1.09 -31.03 4.99
CA VAL B 72 -0.45 -32.25 4.50
C VAL B 72 -0.31 -33.23 5.65
N THR B 73 -0.52 -34.50 5.36
CA THR B 73 -0.40 -35.58 6.32
C THR B 73 0.45 -36.67 5.69
N LYS B 74 0.71 -37.73 6.45
CA LYS B 74 1.46 -38.84 5.92
C LYS B 74 0.54 -39.76 5.13
N LYS B 75 0.91 -40.06 3.90
CA LYS B 75 0.11 -40.90 3.03
C LYS B 75 0.97 -41.98 2.41
N THR B 76 0.36 -43.14 2.20
CA THR B 76 1.11 -44.31 1.76
C THR B 76 1.59 -44.16 0.32
N VAL B 77 0.81 -43.51 -0.53
CA VAL B 77 1.15 -43.32 -1.94
C VAL B 77 1.15 -41.83 -2.23
N THR B 78 1.99 -41.43 -3.18
CA THR B 78 2.07 -40.03 -3.59
C THR B 78 0.70 -39.53 -4.03
N GLU B 79 0.42 -38.27 -3.70
CA GLU B 79 -0.77 -37.59 -4.15
C GLU B 79 -0.32 -36.28 -4.77
N ARG B 80 -1.22 -35.64 -5.52
CA ARG B 80 -0.99 -34.28 -5.99
C ARG B 80 -1.59 -33.34 -4.97
N ILE B 81 -0.73 -32.61 -4.27
CA ILE B 81 -1.18 -31.81 -3.14
C ILE B 81 -1.86 -30.54 -3.61
N LEU B 82 -1.26 -29.86 -4.58
CA LEU B 82 -1.66 -28.52 -4.94
C LEU B 82 -1.32 -28.29 -6.40
N VAL B 83 -2.13 -27.47 -7.07
CA VAL B 83 -1.87 -27.04 -8.43
C VAL B 83 -2.07 -25.55 -8.51
N LEU B 84 -1.09 -24.84 -9.05
CA LEU B 84 -1.13 -23.39 -9.20
C LEU B 84 -1.05 -23.11 -10.69
N PRO B 85 -2.19 -23.10 -11.39
CA PRO B 85 -2.16 -22.80 -12.82
C PRO B 85 -1.62 -21.40 -13.02
N LEU B 86 -0.68 -21.25 -13.94
CA LEU B 86 0.12 -20.04 -13.94
C LEU B 86 -0.59 -19.04 -14.83
N GLU B 87 -1.29 -18.10 -14.19
CA GLU B 87 -1.96 -17.00 -14.85
C GLU B 87 -2.00 -15.84 -13.87
N MET B 88 -1.82 -14.63 -14.38
CA MET B 88 -1.88 -13.48 -13.51
C MET B 88 -3.30 -12.94 -13.36
N SER B 89 -4.26 -13.53 -14.07
CA SER B 89 -5.67 -13.19 -13.94
C SER B 89 -6.39 -14.11 -12.99
N ASN B 90 -5.72 -15.13 -12.48
CA ASN B 90 -6.35 -16.15 -11.64
C ASN B 90 -6.28 -15.71 -10.19
N THR B 91 -7.34 -16.00 -9.44
CA THR B 91 -7.43 -15.56 -8.05
C THR B 91 -6.20 -15.90 -7.24
N LEU B 92 -5.54 -17.00 -7.57
CA LEU B 92 -4.33 -17.37 -6.85
C LEU B 92 -3.28 -16.28 -6.97
N PHE B 93 -2.90 -15.95 -8.20
CA PHE B 93 -1.90 -14.92 -8.41
C PHE B 93 -2.48 -13.51 -8.41
N ALA B 94 -3.70 -13.34 -8.92
CA ALA B 94 -4.23 -11.99 -9.13
C ALA B 94 -4.29 -11.18 -7.86
N THR B 95 -4.42 -11.82 -6.71
CA THR B 95 -4.63 -11.12 -5.45
C THR B 95 -3.34 -10.84 -4.70
N THR B 96 -2.18 -11.17 -5.26
CA THR B 96 -0.91 -10.94 -4.60
C THR B 96 -0.32 -9.60 -5.06
N LEU B 97 0.86 -9.27 -4.53
CA LEU B 97 1.56 -8.08 -5.00
C LEU B 97 2.04 -8.27 -6.43
N LEU B 98 2.56 -9.45 -6.74
CA LEU B 98 2.90 -9.77 -8.12
C LEU B 98 1.68 -9.64 -9.02
N GLY B 99 0.68 -10.48 -8.80
CA GLY B 99 -0.41 -10.57 -9.74
C GLY B 99 -1.23 -9.30 -9.86
N GLU B 100 -1.29 -8.49 -8.80
CA GLU B 100 -2.14 -7.31 -8.87
C GLU B 100 -1.38 -6.09 -9.37
N VAL B 101 -0.06 -6.17 -9.47
CA VAL B 101 0.69 -5.21 -10.27
C VAL B 101 0.62 -5.57 -11.75
N LEU B 102 0.61 -6.87 -12.05
CA LEU B 102 0.59 -7.34 -13.42
C LEU B 102 -0.79 -7.31 -14.06
N ASN B 103 -1.84 -7.14 -13.27
CA ASN B 103 -3.17 -7.00 -13.86
C ASN B 103 -3.47 -5.59 -14.31
N TYR B 104 -2.57 -4.64 -14.08
CA TYR B 104 -2.66 -3.37 -14.74
C TYR B 104 -2.07 -3.40 -16.14
N TYR B 105 -1.26 -4.41 -16.46
CA TYR B 105 -0.57 -4.48 -17.73
C TYR B 105 -1.08 -5.67 -18.52
N ALA B 106 -1.22 -5.48 -19.83
CA ALA B 106 -1.96 -6.41 -20.67
C ALA B 106 -1.20 -7.67 -21.01
N ASN B 107 0.08 -7.75 -20.65
CA ASN B 107 0.91 -8.93 -20.90
C ASN B 107 2.28 -8.69 -20.28
N TRP B 108 3.05 -9.75 -20.15
CA TRP B 108 4.23 -9.77 -19.29
C TRP B 108 5.29 -10.68 -19.89
N SER B 109 6.34 -10.95 -19.12
CA SER B 109 7.48 -11.78 -19.49
C SER B 109 8.37 -11.91 -18.28
N GLY B 110 9.23 -12.91 -18.32
CA GLY B 110 10.15 -13.16 -17.23
C GLY B 110 9.72 -14.34 -16.39
N SER B 111 10.41 -14.49 -15.26
CA SER B 111 10.26 -15.66 -14.40
C SER B 111 9.48 -15.30 -13.14
N ILE B 112 8.54 -16.17 -12.79
CA ILE B 112 7.90 -16.14 -11.47
C ILE B 112 8.83 -16.82 -10.48
N THR B 113 8.72 -16.47 -9.21
CA THR B 113 9.50 -17.11 -8.16
C THR B 113 8.53 -17.55 -7.08
N ILE B 114 8.44 -18.86 -6.85
CA ILE B 114 7.46 -19.44 -5.94
C ILE B 114 8.22 -20.09 -4.80
N THR B 115 7.97 -19.61 -3.59
CA THR B 115 8.58 -20.16 -2.39
C THR B 115 7.50 -20.86 -1.57
N PHE B 116 7.85 -22.01 -1.01
CA PHE B 116 6.96 -22.75 -0.14
C PHE B 116 7.49 -22.70 1.29
N MET B 117 6.60 -22.65 2.25
CA MET B 117 6.99 -22.63 3.65
C MET B 117 6.07 -23.55 4.42
N CYS B 118 6.64 -24.54 5.11
CA CYS B 118 5.87 -25.51 5.86
C CYS B 118 5.86 -25.09 7.33
N VAL B 119 4.68 -24.95 7.89
CA VAL B 119 4.52 -24.65 9.29
C VAL B 119 4.14 -25.94 10.00
N CYS B 120 5.09 -26.50 10.73
CA CYS B 120 4.91 -27.73 11.47
C CYS B 120 5.84 -27.67 12.68
N ASP B 121 5.96 -28.78 13.40
CA ASP B 121 6.87 -28.78 14.52
C ASP B 121 8.28 -29.11 14.03
N ALA B 122 9.24 -29.05 14.94
CA ALA B 122 10.62 -29.24 14.55
C ALA B 122 10.95 -30.70 14.28
N PHE B 123 10.13 -31.63 14.78
CA PHE B 123 10.38 -33.05 14.62
C PHE B 123 9.82 -33.63 13.34
N SER B 124 8.99 -32.89 12.61
CA SER B 124 8.45 -33.38 11.35
C SER B 124 9.48 -33.24 10.25
N THR B 125 9.36 -34.09 9.24
CA THR B 125 10.29 -34.10 8.12
C THR B 125 9.54 -34.52 6.87
N GLY B 126 9.98 -33.99 5.72
CA GLY B 126 9.28 -34.26 4.49
C GLY B 126 10.12 -33.96 3.27
N LYS B 127 9.75 -34.60 2.17
CA LYS B 127 10.33 -34.38 0.85
C LYS B 127 9.20 -34.11 -0.11
N PHE B 128 9.22 -32.96 -0.78
CA PHE B 128 8.19 -32.58 -1.72
C PHE B 128 8.79 -32.36 -3.09
N LEU B 129 8.04 -32.71 -4.13
CA LEU B 129 8.42 -32.48 -5.51
C LEU B 129 7.59 -31.33 -6.05
N VAL B 130 8.25 -30.27 -6.49
CA VAL B 130 7.59 -29.08 -7.02
C VAL B 130 7.90 -29.02 -8.51
N ALA B 131 6.89 -29.21 -9.35
CA ALA B 131 7.09 -29.40 -10.78
C ALA B 131 6.31 -28.37 -11.59
N TYR B 132 6.99 -27.73 -12.53
CA TYR B 132 6.39 -26.77 -13.45
C TYR B 132 6.27 -27.40 -14.84
N THR B 133 5.03 -27.63 -15.30
CA THR B 133 4.87 -28.19 -16.64
C THR B 133 4.76 -27.08 -17.66
N PRO B 134 5.58 -27.08 -18.69
CA PRO B 134 5.68 -25.91 -19.58
C PRO B 134 4.40 -25.68 -20.35
N PRO B 135 4.35 -24.61 -21.15
CA PRO B 135 3.17 -24.41 -21.99
C PRO B 135 2.98 -25.54 -22.99
N GLY B 136 1.74 -25.98 -23.14
CA GLY B 136 1.41 -27.02 -24.07
C GLY B 136 1.24 -28.39 -23.46
N GLY B 137 1.74 -28.60 -22.25
CA GLY B 137 1.60 -29.86 -21.58
C GLY B 137 0.33 -29.95 -20.76
N LYS B 138 -0.17 -31.18 -20.62
CA LYS B 138 -1.30 -31.43 -19.75
C LYS B 138 -0.88 -31.37 -18.29
N LEU B 139 -1.85 -31.18 -17.43
CA LEU B 139 -1.60 -31.28 -16.00
C LEU B 139 -1.32 -32.75 -15.67
N PRO B 140 -0.29 -33.05 -14.89
CA PRO B 140 0.35 -34.38 -14.99
C PRO B 140 -0.51 -35.57 -14.59
N GLU B 141 -1.31 -35.47 -13.52
CA GLU B 141 -2.18 -36.54 -13.05
C GLU B 141 -1.43 -37.65 -12.29
N ASP B 142 -0.12 -37.73 -12.43
CA ASP B 142 0.68 -38.64 -11.61
C ASP B 142 2.11 -38.15 -11.59
N ARG B 143 2.85 -38.56 -10.57
CA ARG B 143 4.13 -37.93 -10.28
C ARG B 143 5.16 -38.23 -11.35
N LYS B 144 5.07 -39.41 -11.99
CA LYS B 144 6.02 -39.76 -13.03
C LYS B 144 5.89 -38.87 -14.25
N GLN B 145 4.71 -38.31 -14.47
CA GLN B 145 4.53 -37.36 -15.55
C GLN B 145 4.80 -35.93 -15.11
N ALA B 146 4.82 -35.67 -13.81
CA ALA B 146 5.16 -34.33 -13.32
C ALA B 146 6.66 -34.12 -13.26
N MET B 147 7.39 -35.16 -12.92
CA MET B 147 8.84 -35.07 -12.80
C MET B 147 9.55 -34.79 -14.11
N LEU B 148 8.90 -35.00 -15.24
CA LEU B 148 9.62 -34.86 -16.49
C LEU B 148 9.75 -33.43 -16.94
N GLY B 149 9.18 -32.47 -16.22
CA GLY B 149 9.36 -31.07 -16.51
C GLY B 149 10.40 -30.44 -15.62
N VAL B 150 10.33 -29.12 -15.49
CA VAL B 150 11.13 -28.43 -14.50
C VAL B 150 10.65 -28.87 -13.13
N HIS B 151 11.59 -29.27 -12.26
CA HIS B 151 11.17 -29.60 -10.92
C HIS B 151 12.32 -29.43 -9.95
N ILE B 152 11.96 -29.25 -8.68
CA ILE B 152 12.90 -29.16 -7.57
C ILE B 152 12.36 -30.04 -6.46
N ILE B 153 13.26 -30.56 -5.64
CA ILE B 153 12.88 -31.41 -4.51
C ILE B 153 12.98 -30.55 -3.27
N TRP B 154 11.84 -30.18 -2.70
CA TRP B 154 11.86 -29.32 -1.53
C TRP B 154 11.86 -30.16 -0.28
N ASP B 155 12.93 -30.03 0.50
CA ASP B 155 13.19 -30.85 1.66
C ASP B 155 13.07 -29.98 2.90
N LEU B 156 12.31 -30.46 3.89
CA LEU B 156 12.29 -29.76 5.15
C LEU B 156 13.60 -29.98 5.89
N GLY B 157 13.90 -29.10 6.82
CA GLY B 157 15.20 -29.12 7.44
C GLY B 157 16.29 -28.49 6.62
N LEU B 158 15.94 -27.83 5.52
CA LEU B 158 16.88 -26.99 4.77
C LEU B 158 16.37 -25.55 4.67
N GLN B 159 15.22 -25.35 4.03
CA GLN B 159 14.64 -24.04 3.75
C GLN B 159 15.57 -23.20 2.88
N SER B 160 16.55 -23.83 2.24
CA SER B 160 17.20 -23.31 1.05
C SER B 160 16.62 -23.91 -0.22
N SER B 161 15.85 -24.98 -0.11
CA SER B 161 15.28 -25.70 -1.23
C SER B 161 13.83 -25.32 -1.52
N CYS B 162 13.27 -24.37 -0.78
CA CYS B 162 11.87 -24.03 -0.89
C CYS B 162 11.55 -23.42 -2.25
N THR B 163 12.37 -22.50 -2.73
CA THR B 163 12.03 -21.67 -3.87
C THR B 163 12.24 -22.42 -5.18
N ILE B 164 11.18 -22.52 -5.97
CA ILE B 164 11.28 -22.89 -7.36
C ILE B 164 11.15 -21.63 -8.20
N VAL B 165 12.00 -21.49 -9.20
CA VAL B 165 11.93 -20.37 -10.11
C VAL B 165 11.26 -20.87 -11.39
N VAL B 166 10.03 -20.44 -11.61
CA VAL B 166 9.32 -20.79 -12.83
C VAL B 166 10.08 -20.17 -13.98
N PRO B 167 10.68 -20.96 -14.87
CA PRO B 167 11.46 -20.37 -15.96
C PRO B 167 10.54 -19.73 -16.97
N TRP B 168 11.12 -18.89 -17.82
CA TRP B 168 10.37 -18.32 -18.92
C TRP B 168 10.55 -19.23 -20.12
N ILE B 169 9.50 -19.96 -20.46
CA ILE B 169 9.49 -20.83 -21.61
C ILE B 169 8.27 -20.41 -22.41
N SER B 170 8.49 -19.81 -23.57
CA SER B 170 7.38 -19.32 -24.35
C SER B 170 7.81 -19.24 -25.80
N SER B 171 6.84 -19.34 -26.69
CA SER B 171 7.10 -19.09 -28.09
C SER B 171 7.27 -17.59 -28.28
N GLY B 172 6.19 -16.84 -28.12
CA GLY B 172 6.26 -15.40 -28.25
C GLY B 172 7.13 -14.78 -27.18
N PHE B 173 7.35 -13.48 -27.32
CA PHE B 173 8.21 -12.78 -26.38
C PHE B 173 7.46 -12.36 -25.13
N TYR B 174 6.14 -12.25 -25.21
CA TYR B 174 5.31 -11.85 -24.09
C TYR B 174 4.13 -12.79 -23.96
N ARG B 175 3.60 -12.87 -22.75
CA ARG B 175 2.49 -13.74 -22.41
C ARG B 175 1.34 -12.87 -21.93
N ARG B 176 0.15 -13.14 -22.44
CA ARG B 176 -1.01 -12.34 -22.08
C ARG B 176 -1.40 -12.56 -20.63
N THR B 177 -1.69 -11.46 -19.92
CA THR B 177 -2.08 -11.58 -18.51
C THR B 177 -3.38 -12.36 -18.38
N LYS B 178 -4.33 -12.11 -19.26
CA LYS B 178 -5.59 -12.84 -19.22
C LYS B 178 -5.41 -14.20 -19.89
N ALA B 179 -5.69 -15.25 -19.13
CA ALA B 179 -5.48 -16.62 -19.59
C ALA B 179 -6.18 -16.89 -20.91
N ASP B 180 -5.41 -17.39 -21.87
CA ASP B 180 -5.97 -17.85 -23.13
C ASP B 180 -5.15 -19.04 -23.60
N SER B 181 -5.78 -19.89 -24.41
CA SER B 181 -5.15 -21.13 -24.81
C SER B 181 -3.90 -20.91 -25.63
N PHE B 182 -3.74 -19.73 -26.24
CA PHE B 182 -2.62 -19.52 -27.14
C PHE B 182 -1.32 -19.30 -26.36
N THR B 183 -1.35 -18.41 -25.37
CA THR B 183 -0.16 -18.05 -24.61
C THR B 183 -0.05 -18.77 -23.27
N HIS B 184 -0.98 -19.67 -22.93
CA HIS B 184 -1.10 -20.16 -21.57
C HIS B 184 0.24 -20.65 -21.04
N GLY B 185 0.52 -20.31 -19.79
CA GLY B 185 1.84 -20.43 -19.22
C GLY B 185 2.19 -21.70 -18.50
N GLY B 186 1.25 -22.61 -18.31
CA GLY B 186 1.58 -23.87 -17.67
C GLY B 186 1.12 -23.95 -16.24
N TYR B 187 1.64 -24.97 -15.56
CA TYR B 187 1.12 -25.42 -14.28
C TYR B 187 2.26 -25.69 -13.32
N VAL B 188 2.15 -25.18 -12.11
CA VAL B 188 3.04 -25.54 -11.01
C VAL B 188 2.25 -26.43 -10.09
N SER B 189 2.73 -27.64 -9.87
CA SER B 189 2.05 -28.61 -9.01
C SER B 189 2.99 -29.10 -7.92
N LEU B 190 2.40 -29.50 -6.80
CA LEU B 190 3.14 -29.96 -5.64
C LEU B 190 2.77 -31.41 -5.35
N TRP B 191 3.78 -32.23 -5.08
CA TRP B 191 3.64 -33.67 -4.92
C TRP B 191 4.38 -34.10 -3.67
N TYR B 192 4.15 -35.33 -3.24
CA TYR B 192 4.97 -35.93 -2.19
C TYR B 192 6.12 -36.67 -2.85
N GLN B 193 7.34 -36.17 -2.68
CA GLN B 193 8.48 -36.96 -3.10
C GLN B 193 8.48 -38.25 -2.31
N THR B 194 8.76 -38.19 -1.02
CA THR B 194 8.65 -39.40 -0.20
C THR B 194 7.38 -39.35 0.63
N ALA B 195 7.44 -38.63 1.76
CA ALA B 195 6.30 -38.54 2.65
C ALA B 195 6.50 -37.36 3.58
N PHE B 196 5.43 -36.95 4.22
CA PHE B 196 5.49 -36.05 5.36
C PHE B 196 5.37 -36.91 6.60
N VAL B 197 6.44 -37.03 7.35
CA VAL B 197 6.49 -37.96 8.48
C VAL B 197 6.38 -37.16 9.76
N PRO B 198 5.25 -37.20 10.46
CA PRO B 198 5.12 -36.45 11.71
C PRO B 198 5.88 -37.12 12.83
N PRO B 199 6.09 -36.43 13.95
CA PRO B 199 6.70 -37.10 15.11
C PRO B 199 5.80 -38.13 15.76
N VAL B 200 4.51 -38.08 15.50
CA VAL B 200 3.56 -39.04 16.04
C VAL B 200 2.47 -39.24 15.00
N SER B 201 2.03 -40.49 14.85
CA SER B 201 1.00 -40.82 13.88
C SER B 201 -0.22 -39.94 14.08
N GLY B 202 -0.80 -39.49 12.99
CA GLY B 202 -1.87 -38.52 13.04
C GLY B 202 -1.41 -37.08 13.03
N GLY B 203 -0.11 -36.83 12.96
CA GLY B 203 0.39 -35.48 12.86
C GLY B 203 -0.06 -34.81 11.58
N THR B 204 0.10 -33.49 11.56
CA THR B 204 -0.48 -32.66 10.51
C THR B 204 0.50 -31.57 10.13
N GLY B 205 0.73 -31.42 8.83
CA GLY B 205 1.52 -30.32 8.33
C GLY B 205 0.65 -29.20 7.82
N SER B 206 1.24 -28.03 7.67
CA SER B 206 0.53 -26.89 7.11
C SER B 206 1.49 -26.13 6.21
N ILE B 207 1.08 -25.90 4.96
CA ILE B 207 1.98 -25.39 3.93
C ILE B 207 1.46 -24.05 3.43
N LEU B 208 2.36 -23.08 3.33
CA LEU B 208 2.12 -21.76 2.79
C LEU B 208 2.95 -21.58 1.53
N ALA B 209 2.54 -20.66 0.67
CA ALA B 209 3.27 -20.43 -0.57
C ALA B 209 3.26 -18.95 -0.90
N THR B 210 4.39 -18.45 -1.39
CA THR B 210 4.54 -17.05 -1.77
C THR B 210 4.91 -16.96 -3.24
N CYS B 211 4.72 -15.78 -3.83
CA CYS B 211 5.10 -15.55 -5.22
C CYS B 211 5.64 -14.15 -5.36
N SER B 212 6.73 -14.02 -6.12
CA SER B 212 7.32 -12.72 -6.40
C SER B 212 7.92 -12.76 -7.79
N ALA B 213 8.18 -11.58 -8.32
CA ALA B 213 8.78 -11.47 -9.64
C ALA B 213 10.28 -11.68 -9.59
N CYS B 214 10.82 -12.20 -10.66
CA CYS B 214 12.25 -12.25 -10.81
C CYS B 214 12.75 -10.97 -11.47
N PRO B 215 14.02 -10.62 -11.30
CA PRO B 215 14.50 -9.32 -11.80
C PRO B 215 14.33 -9.13 -13.30
N ASP B 216 14.12 -10.20 -14.06
CA ASP B 216 13.90 -10.10 -15.49
C ASP B 216 12.43 -10.05 -15.87
N MET B 217 11.54 -9.99 -14.89
CA MET B 217 10.13 -9.75 -15.17
C MET B 217 9.95 -8.40 -15.84
N SER B 218 9.07 -8.36 -16.84
CA SER B 218 8.73 -7.10 -17.50
C SER B 218 7.26 -7.13 -17.88
N VAL B 219 6.66 -5.96 -18.00
CA VAL B 219 5.25 -5.81 -18.29
C VAL B 219 5.11 -4.66 -19.28
N ARG B 220 3.96 -4.62 -19.96
CA ARG B 220 3.71 -3.51 -20.86
C ARG B 220 2.22 -3.36 -21.11
N MET B 221 1.85 -2.22 -21.68
CA MET B 221 0.49 -1.86 -22.05
C MET B 221 -0.43 -1.79 -20.82
N LEU B 222 -0.22 -0.72 -20.06
CA LEU B 222 -1.05 -0.43 -18.90
C LEU B 222 -2.52 -0.36 -19.26
N ARG B 223 -3.38 -0.92 -18.41
CA ARG B 223 -4.80 -1.02 -18.68
C ARG B 223 -5.56 -0.94 -17.36
N ASP B 224 -6.88 -1.08 -17.43
CA ASP B 224 -7.71 -1.12 -16.23
C ASP B 224 -7.66 -2.48 -15.57
N SER B 225 -7.19 -2.50 -14.34
CA SER B 225 -7.11 -3.73 -13.58
C SER B 225 -8.51 -4.28 -13.33
N PRO B 226 -8.77 -5.54 -13.65
CA PRO B 226 -10.05 -6.17 -13.26
C PRO B 226 -10.25 -6.23 -11.77
N MET B 227 -9.21 -5.96 -10.99
CA MET B 227 -9.20 -6.11 -9.53
C MET B 227 -9.85 -4.95 -8.81
N MET B 228 -10.45 -3.99 -9.51
CA MET B 228 -11.31 -3.02 -8.86
C MET B 228 -12.55 -2.77 -9.71
N GLU B 229 -13.69 -2.59 -9.05
CA GLU B 229 -14.95 -2.29 -9.72
C GLU B 229 -15.74 -1.35 -8.84
N GLN B 230 -16.31 -0.31 -9.42
CA GLN B 230 -17.16 0.64 -8.70
C GLN B 230 -18.58 0.51 -9.23
N LYS B 231 -19.46 -0.09 -8.44
CA LYS B 231 -20.82 -0.33 -8.90
C LYS B 231 -21.79 0.76 -8.46
N ASN B 232 -21.38 1.67 -7.56
CA ASN B 232 -22.23 2.77 -7.13
C ASN B 232 -21.34 3.90 -6.65
N GLU B 233 -21.85 5.13 -6.73
CA GLU B 233 -21.03 6.30 -6.44
C GLU B 233 -20.67 6.36 -4.96
N LEU B 234 -19.47 6.87 -4.69
CA LEU B 234 -18.97 6.99 -3.32
C LEU B 234 -19.42 8.31 -2.74
N GLN B 235 -20.07 8.25 -1.58
CA GLN B 235 -20.57 9.45 -0.94
C GLN B 235 -20.26 9.45 0.55
N GLY C 1 11.62 30.25 -25.73
CA GLY C 1 10.72 30.12 -24.60
C GLY C 1 11.38 30.30 -23.25
N ALA C 2 11.71 29.18 -22.59
CA ALA C 2 12.35 29.23 -21.29
C ALA C 2 13.57 28.33 -21.20
N GLN C 3 13.36 27.03 -21.37
CA GLN C 3 14.28 25.95 -20.96
C GLN C 3 14.32 25.94 -19.42
N VAL C 4 15.50 25.77 -18.81
CA VAL C 4 15.65 25.54 -17.38
C VAL C 4 17.13 25.24 -17.13
N SER C 5 17.59 25.35 -15.89
CA SER C 5 18.96 24.99 -15.56
C SER C 5 18.98 23.83 -14.58
N SER C 22 17.02 4.30 -31.34
CA SER C 22 16.28 3.91 -30.15
C SER C 22 16.58 4.86 -29.00
N VAL C 23 17.41 5.86 -29.25
CA VAL C 23 17.70 6.92 -28.29
C VAL C 23 17.40 8.25 -28.96
N ILE C 24 16.58 9.06 -28.31
CA ILE C 24 16.04 10.28 -28.89
C ILE C 24 16.46 11.46 -28.03
N LYS C 25 17.19 12.39 -28.63
CA LYS C 25 17.49 13.64 -27.97
C LYS C 25 16.25 14.52 -27.93
N TYR C 26 16.25 15.51 -27.06
CA TYR C 26 15.23 16.55 -27.18
C TYR C 26 15.72 17.84 -26.58
N PHE C 27 15.29 18.95 -27.15
CA PHE C 27 15.61 20.25 -26.60
C PHE C 27 14.68 20.51 -25.43
N ASN C 28 15.25 20.65 -24.24
CA ASN C 28 14.44 20.87 -23.05
C ASN C 28 13.93 22.30 -23.10
N ILE C 29 12.61 22.46 -23.15
CA ILE C 29 12.01 23.77 -23.33
C ILE C 29 10.77 23.85 -22.46
N ASN C 30 10.70 24.88 -21.62
CA ASN C 30 9.44 25.27 -21.00
C ASN C 30 8.82 26.35 -21.87
N TYR C 31 7.72 26.02 -22.54
CA TYR C 31 7.03 27.02 -23.34
C TYR C 31 6.38 28.05 -22.45
N TYR C 32 5.58 27.60 -21.49
CA TYR C 32 5.23 28.44 -20.37
C TYR C 32 6.45 28.53 -19.49
N LYS C 33 6.83 29.72 -19.07
CA LYS C 33 8.11 29.86 -18.39
C LYS C 33 7.82 29.64 -16.91
N ASP C 34 8.14 28.43 -16.45
CA ASP C 34 7.91 28.01 -15.07
C ASP C 34 8.25 26.54 -14.95
N SER C 35 8.58 26.08 -13.75
CA SER C 35 8.49 24.68 -13.43
C SER C 35 7.05 24.36 -13.08
N ALA C 36 6.70 23.07 -13.14
CA ALA C 36 5.36 22.60 -12.80
C ALA C 36 4.38 22.94 -13.89
N SER C 37 4.73 23.87 -14.77
CA SER C 37 4.05 23.94 -16.06
C SER C 37 4.63 22.94 -17.02
N SER C 38 5.79 22.39 -16.71
CA SER C 38 6.46 21.44 -17.57
C SER C 38 5.65 20.17 -17.67
N GLY C 39 5.95 19.39 -18.70
CA GLY C 39 5.24 18.16 -18.94
C GLY C 39 5.67 17.08 -17.97
N LEU C 40 5.42 15.84 -18.36
CA LEU C 40 5.75 14.71 -17.51
C LEU C 40 7.27 14.56 -17.40
N SER C 41 7.71 13.85 -16.37
CA SER C 41 9.12 13.79 -16.01
C SER C 41 9.73 12.48 -16.51
N ARG C 42 10.76 12.60 -17.34
CA ARG C 42 11.56 11.47 -17.83
C ARG C 42 12.92 11.49 -17.16
N GLN C 43 13.79 10.59 -17.59
CA GLN C 43 15.17 10.50 -17.09
C GLN C 43 16.12 11.10 -18.13
N ASP C 44 16.68 12.26 -17.79
CA ASP C 44 17.57 12.98 -18.70
C ASP C 44 18.95 12.33 -18.76
N PHE C 45 19.68 12.67 -19.83
CA PHE C 45 21.10 12.41 -19.93
C PHE C 45 21.76 13.59 -20.61
N SER C 46 23.02 13.83 -20.25
CA SER C 46 23.77 14.92 -20.87
C SER C 46 24.35 14.49 -22.22
N GLN C 47 24.89 13.28 -22.30
CA GLN C 47 25.36 12.72 -23.56
C GLN C 47 24.59 11.43 -23.84
N ASP C 48 24.88 10.83 -24.99
CA ASP C 48 24.13 9.66 -25.41
C ASP C 48 24.31 8.52 -24.40
N PRO C 49 23.24 7.83 -24.04
CA PRO C 49 23.42 6.44 -23.60
C PRO C 49 23.84 5.60 -24.79
N SER C 50 24.90 4.83 -24.62
CA SER C 50 25.61 4.18 -25.73
C SER C 50 26.14 5.21 -26.71
N THR C 59 18.73 -1.43 -11.04
CA THR C 59 17.51 -0.82 -11.55
C THR C 59 16.34 -1.78 -11.41
N LEU C 60 16.67 -3.06 -11.34
CA LEU C 60 15.64 -4.10 -11.37
C LEU C 60 15.02 -4.34 -9.99
N THR C 61 15.78 -4.17 -8.92
CA THR C 61 15.31 -4.43 -7.57
C THR C 61 15.54 -3.20 -6.69
N ASN C 62 14.70 -3.06 -5.67
CA ASN C 62 14.88 -2.02 -4.66
C ASN C 62 15.18 -2.69 -3.33
N PRO C 63 16.43 -2.69 -2.87
CA PRO C 63 16.73 -3.31 -1.58
C PRO C 63 16.15 -2.57 -0.39
N ALA C 64 15.75 -1.31 -0.56
CA ALA C 64 15.12 -0.60 0.55
C ALA C 64 13.80 -1.24 0.93
N LEU C 65 13.01 -1.63 -0.06
CA LEU C 65 11.86 -2.48 0.19
C LEU C 65 12.42 -3.87 0.50
N MET C 66 11.57 -4.87 0.66
CA MET C 66 12.02 -6.24 0.89
C MET C 66 12.65 -6.41 2.27
N SER C 67 12.70 -5.35 3.09
CA SER C 67 13.07 -5.41 4.51
C SER C 67 14.46 -6.01 4.71
N PRO C 68 15.53 -5.23 4.50
CA PRO C 68 16.89 -5.76 4.61
C PRO C 68 17.22 -6.32 5.97
N SER C 69 18.43 -6.85 6.10
CA SER C 69 18.85 -7.65 7.25
C SER C 69 19.62 -6.89 8.29
N VAL C 70 19.72 -5.56 8.16
CA VAL C 70 20.40 -4.61 9.05
C VAL C 70 21.90 -4.86 9.03
N GLU C 71 22.31 -6.02 8.53
CA GLU C 71 23.68 -6.17 8.05
C GLU C 71 23.81 -5.80 6.58
N ALA C 72 22.70 -5.75 5.86
CA ALA C 72 22.72 -5.43 4.44
C ALA C 72 23.06 -3.97 4.18
N CYS C 73 23.14 -3.13 5.22
CA CYS C 73 23.78 -1.83 5.07
C CYS C 73 25.03 -1.81 5.93
N GLY C 74 24.87 -1.67 7.24
CA GLY C 74 25.99 -1.87 8.14
C GLY C 74 25.52 -2.29 9.52
N TYR C 75 26.36 -3.10 10.16
CA TYR C 75 26.11 -3.72 11.45
C TYR C 75 26.81 -3.02 12.60
N SER C 76 27.60 -1.98 12.30
CA SER C 76 28.33 -1.27 13.35
C SER C 76 27.42 -0.66 14.38
N ASP C 77 26.17 -0.41 14.02
CA ASP C 77 25.20 0.22 14.90
C ASP C 77 24.30 -0.78 15.61
N ARG C 78 24.46 -2.07 15.32
CA ARG C 78 23.82 -3.15 16.07
C ARG C 78 22.31 -3.01 16.20
N GLN C 81 23.22 -9.52 21.16
CA GLN C 81 23.66 -8.37 21.95
C GLN C 81 23.20 -7.04 21.37
N ILE C 82 22.08 -6.54 21.90
CA ILE C 82 21.49 -5.28 21.48
C ILE C 82 21.13 -4.52 22.75
N THR C 83 21.72 -3.35 22.95
CA THR C 83 21.51 -2.60 24.18
C THR C 83 21.28 -1.14 23.85
N ILE C 84 20.11 -0.62 24.20
CA ILE C 84 19.80 0.80 24.11
C ILE C 84 19.52 1.28 25.51
N GLY C 85 20.29 2.25 25.96
CA GLY C 85 19.87 3.03 27.10
C GLY C 85 19.53 2.22 28.32
N ASN C 86 20.49 1.46 28.83
CA ASN C 86 20.45 0.84 30.16
C ASN C 86 19.66 -0.46 30.13
N SER C 87 19.13 -0.88 28.99
CA SER C 87 18.44 -2.15 28.88
C SER C 87 19.03 -2.97 27.75
N THR C 88 19.13 -4.28 27.98
CA THR C 88 19.90 -5.18 27.13
C THR C 88 19.00 -6.19 26.42
N ILE C 89 19.29 -6.41 25.15
CA ILE C 89 18.73 -7.50 24.37
C ILE C 89 19.90 -8.34 23.88
N THR C 90 19.81 -9.65 24.08
CA THR C 90 20.84 -10.58 23.60
C THR C 90 20.15 -11.58 22.68
N THR C 91 20.46 -11.49 21.39
CA THR C 91 19.84 -12.34 20.38
C THR C 91 20.85 -12.79 19.34
N SER C 94 20.97 -10.80 15.65
CA SER C 94 21.05 -9.42 15.19
C SER C 94 21.51 -9.35 13.73
N LEU C 95 21.75 -10.52 13.14
CA LEU C 95 21.75 -10.63 11.68
C LEU C 95 20.34 -10.78 11.15
N HIS C 96 19.41 -11.23 11.98
CA HIS C 96 18.01 -11.45 11.62
C HIS C 96 17.14 -10.26 11.95
N THR C 97 17.73 -9.17 12.42
CA THR C 97 17.01 -7.91 12.52
C THR C 97 16.68 -7.39 11.14
N VAL C 98 15.45 -6.94 10.92
CA VAL C 98 15.08 -6.32 9.66
C VAL C 98 15.10 -4.82 9.85
N LEU C 99 15.75 -4.13 8.93
CA LEU C 99 15.92 -2.68 9.00
C LEU C 99 14.90 -2.06 8.05
N ALA C 100 13.91 -1.41 8.60
CA ALA C 100 12.73 -1.05 7.83
C ALA C 100 13.09 0.00 6.79
N TYR C 101 12.84 -0.33 5.53
CA TYR C 101 13.11 0.58 4.42
C TYR C 101 14.60 0.88 4.31
N GLY C 102 15.42 -0.05 4.78
CA GLY C 102 16.85 0.01 4.65
C GLY C 102 17.47 1.30 5.13
N GLU C 103 16.85 1.93 6.13
CA GLU C 103 17.29 3.24 6.58
C GLU C 103 17.51 3.17 8.09
N TRP C 104 18.59 3.63 8.51
CA TRP C 104 18.86 3.55 9.94
C TRP C 104 18.28 4.78 10.63
N PRO C 105 17.68 4.66 11.82
CA PRO C 105 17.12 5.84 12.48
C PRO C 105 18.19 6.87 12.76
N THR C 106 17.82 8.14 12.68
CA THR C 106 18.78 9.20 12.94
C THR C 106 18.03 10.46 13.32
N TYR C 107 18.74 11.36 14.00
CA TYR C 107 18.10 12.60 14.42
C TYR C 107 17.76 13.45 13.22
N LEU C 108 16.81 14.37 13.43
CA LEU C 108 16.28 15.19 12.34
C LEU C 108 17.36 15.98 11.64
N SER C 109 18.51 16.15 12.28
CA SER C 109 19.61 16.96 11.74
C SER C 109 19.03 18.34 11.45
N ASP C 110 19.39 18.94 10.33
CA ASP C 110 18.91 20.28 9.99
C ASP C 110 18.36 20.19 8.58
N ILE C 111 17.98 21.33 8.00
CA ILE C 111 17.75 21.52 6.57
C ILE C 111 16.57 20.68 6.09
N ASP C 112 16.21 19.66 6.86
CA ASP C 112 14.95 18.95 6.72
C ASP C 112 13.95 19.37 7.78
N ALA C 113 14.32 20.32 8.64
CA ALA C 113 13.54 20.68 9.81
C ALA C 113 12.83 22.00 9.58
N THR C 114 11.65 22.13 10.19
CA THR C 114 10.86 23.35 10.04
C THR C 114 11.32 24.41 11.04
N SER C 115 11.11 24.15 12.33
CA SER C 115 11.52 25.09 13.36
C SER C 115 13.04 25.08 13.53
N VAL C 116 13.59 26.24 13.87
CA VAL C 116 15.01 26.29 14.20
C VAL C 116 15.24 25.91 15.67
N ASP C 117 14.18 25.95 16.48
CA ASP C 117 14.28 25.64 17.90
C ASP C 117 14.93 24.30 18.14
N LYS C 118 15.88 24.27 19.06
CA LYS C 118 16.70 23.09 19.30
C LYS C 118 15.86 22.01 19.97
N PRO C 119 15.67 20.85 19.35
CA PRO C 119 14.90 19.80 19.99
C PRO C 119 15.61 19.27 21.23
N THR C 120 14.85 18.57 22.06
CA THR C 120 15.39 17.90 23.21
C THR C 120 15.70 16.45 22.86
N HIS C 121 16.85 15.97 23.29
CA HIS C 121 17.17 14.56 23.11
C HIS C 121 17.24 13.92 24.49
N PRO C 122 16.24 13.13 24.89
CA PRO C 122 16.32 12.47 26.20
C PRO C 122 17.41 11.44 26.28
N GLU C 123 17.73 10.78 25.18
CA GLU C 123 18.76 9.73 25.06
C GLU C 123 18.44 8.63 26.08
N THR C 124 19.44 8.08 26.77
CA THR C 124 19.32 6.78 27.40
C THR C 124 18.22 6.67 28.44
N SER C 125 17.66 7.79 28.92
CA SER C 125 16.58 7.67 29.90
C SER C 125 15.26 7.37 29.22
N ALA C 126 14.95 8.05 28.12
CA ALA C 126 13.74 7.77 27.37
C ALA C 126 13.97 6.91 26.15
N ASP C 127 15.20 6.56 25.81
CA ASP C 127 15.45 5.61 24.73
C ASP C 127 15.89 4.33 25.40
N ARG C 128 14.95 3.39 25.56
CA ARG C 128 15.24 2.14 26.23
C ARG C 128 14.13 1.16 25.90
N PHE C 129 14.38 -0.11 26.15
CA PHE C 129 13.40 -1.15 25.85
C PHE C 129 12.30 -1.16 26.89
N TYR C 130 11.07 -0.99 26.44
CA TYR C 130 9.88 -1.04 27.28
C TYR C 130 9.11 -2.30 26.92
N THR C 131 9.02 -3.25 27.84
CA THR C 131 8.30 -4.49 27.59
C THR C 131 6.85 -4.34 28.03
N LEU C 132 5.94 -4.74 27.16
CA LEU C 132 4.52 -4.50 27.36
C LEU C 132 3.88 -5.72 27.99
N ASP C 133 2.57 -5.64 28.25
CA ASP C 133 1.86 -6.80 28.77
C ASP C 133 1.89 -7.94 27.76
N SER C 134 2.30 -9.12 28.22
CA SER C 134 2.26 -10.29 27.36
C SER C 134 0.82 -10.65 27.04
N VAL C 135 0.64 -11.34 25.92
CA VAL C 135 -0.69 -11.73 25.44
C VAL C 135 -0.67 -13.23 25.17
N GLU C 136 -1.67 -13.94 25.71
CA GLU C 136 -1.78 -15.36 25.42
C GLU C 136 -2.06 -15.57 23.94
N TRP C 137 -1.28 -16.42 23.32
CA TRP C 137 -1.56 -16.88 21.97
C TRP C 137 -2.16 -18.28 22.06
N GLN C 138 -3.42 -18.37 21.64
CA GLN C 138 -4.25 -19.54 21.84
C GLN C 138 -4.65 -20.10 20.48
N VAL C 139 -5.41 -21.18 20.49
CA VAL C 139 -6.10 -21.58 19.27
C VAL C 139 -7.28 -20.64 19.07
N GLY C 140 -7.44 -20.11 17.88
CA GLY C 140 -8.53 -19.22 17.58
C GLY C 140 -8.26 -17.76 17.84
N SER C 141 -7.08 -17.42 18.35
CA SER C 141 -6.75 -16.01 18.52
C SER C 141 -6.46 -15.39 17.16
N HIS C 142 -7.19 -14.32 16.84
CA HIS C 142 -7.14 -13.77 15.49
C HIS C 142 -5.95 -12.84 15.27
N GLY C 143 -5.53 -12.11 16.28
CA GLY C 143 -4.40 -11.21 16.11
C GLY C 143 -4.40 -10.16 17.20
N TRP C 144 -3.44 -9.25 17.07
CA TRP C 144 -3.27 -8.15 18.00
C TRP C 144 -2.66 -6.99 17.25
N TRP C 145 -2.95 -5.76 17.68
CA TRP C 145 -2.19 -4.62 17.18
C TRP C 145 -1.98 -3.59 18.28
N TRP C 146 -0.87 -2.87 18.15
CA TRP C 146 -0.48 -1.76 19.00
C TRP C 146 -0.19 -0.57 18.10
N LYS C 147 -0.64 0.60 18.50
CA LYS C 147 -0.32 1.84 17.81
C LYS C 147 0.89 2.48 18.49
N LEU C 148 1.77 3.06 17.69
CA LEU C 148 2.95 3.74 18.20
C LEU C 148 2.96 5.17 17.73
N PRO C 149 3.48 6.10 18.54
CA PRO C 149 4.07 6.03 19.88
C PRO C 149 3.10 5.67 20.99
N ASP C 150 1.81 5.67 20.70
CA ASP C 150 0.74 5.55 21.68
C ASP C 150 0.98 4.49 22.75
N ALA C 151 1.46 3.32 22.37
CA ALA C 151 1.63 2.25 23.34
C ALA C 151 2.55 2.67 24.47
N LEU C 152 3.44 3.62 24.20
CA LEU C 152 4.46 4.04 25.14
C LEU C 152 4.07 5.27 25.92
N LYS C 153 2.83 5.73 25.80
CA LYS C 153 2.47 7.04 26.35
C LYS C 153 2.56 7.08 27.86
N ASP C 154 2.33 5.96 28.54
CA ASP C 154 2.48 5.90 29.99
C ASP C 154 3.81 5.31 30.43
N MET C 155 4.70 5.01 29.50
CA MET C 155 5.92 4.27 29.80
C MET C 155 7.06 5.24 30.06
N GLY C 156 7.51 5.32 31.30
CA GLY C 156 8.76 5.97 31.66
C GLY C 156 8.80 7.45 31.35
N VAL C 157 10.02 7.96 31.16
CA VAL C 157 10.23 9.35 30.78
C VAL C 157 10.16 9.56 29.27
N PHE C 158 9.89 8.52 28.50
CA PHE C 158 9.44 8.75 27.14
C PHE C 158 7.99 9.21 27.17
N GLY C 159 7.14 8.46 27.86
CA GLY C 159 5.75 8.83 27.98
C GLY C 159 5.50 10.11 28.73
N GLN C 160 6.49 10.63 29.45
CA GLN C 160 6.36 11.96 30.04
C GLN C 160 6.66 13.04 29.00
N ASN C 161 7.69 12.85 28.19
CA ASN C 161 8.05 13.84 27.19
C ASN C 161 7.00 14.01 26.11
N MET C 162 6.13 13.03 25.90
CA MET C 162 5.06 13.23 24.93
C MET C 162 4.17 14.39 25.34
N TYR C 163 3.75 14.40 26.61
CA TYR C 163 2.75 15.35 27.05
C TYR C 163 3.32 16.74 27.22
N TYR C 164 4.57 16.86 27.63
CA TYR C 164 5.13 18.17 27.90
C TYR C 164 5.70 18.84 26.67
N HIS C 165 5.56 18.25 25.48
CA HIS C 165 6.12 18.83 24.27
C HIS C 165 5.06 18.87 23.19
N SER C 166 5.13 19.93 22.37
CA SER C 166 4.20 20.09 21.25
C SER C 166 4.34 18.94 20.29
N MET C 167 5.56 18.67 19.86
CA MET C 167 5.86 17.82 18.75
C MET C 167 6.85 16.76 19.18
N GLY C 168 7.17 15.86 18.28
CA GLY C 168 8.22 14.93 18.53
C GLY C 168 8.34 13.95 17.39
N ARG C 169 9.52 13.35 17.31
CA ARG C 169 9.78 12.29 16.36
C ARG C 169 10.65 11.25 17.04
N SER C 170 10.42 10.00 16.68
CA SER C 170 11.20 8.91 17.24
C SER C 170 11.27 7.77 16.25
N GLY C 171 12.40 7.11 16.21
CA GLY C 171 12.47 5.79 15.64
C GLY C 171 12.32 4.75 16.72
N PHE C 172 11.87 3.56 16.33
CA PHE C 172 11.58 2.52 17.29
C PHE C 172 12.34 1.25 16.94
N ILE C 173 12.49 0.38 17.93
CA ILE C 173 13.00 -0.97 17.73
C ILE C 173 12.03 -1.92 18.39
N ILE C 174 11.36 -2.73 17.58
CA ILE C 174 10.33 -3.64 18.06
C ILE C 174 10.95 -5.01 18.17
N HIS C 175 10.97 -5.57 19.38
CA HIS C 175 11.46 -6.93 19.58
C HIS C 175 10.31 -7.80 20.05
N THR C 176 9.84 -8.68 19.17
CA THR C 176 8.72 -9.56 19.46
C THR C 176 9.24 -10.96 19.70
N GLN C 177 8.90 -11.53 20.84
CA GLN C 177 9.52 -12.77 21.32
C GLN C 177 8.48 -13.73 21.86
N CYS C 178 8.34 -14.87 21.18
CA CYS C 178 7.39 -15.92 21.53
C CYS C 178 8.10 -17.25 21.49
N ASN C 179 8.19 -17.93 22.62
CA ASN C 179 8.94 -19.17 22.72
C ASN C 179 8.01 -20.32 23.04
N ALA C 180 8.07 -21.38 22.23
CA ALA C 180 7.41 -22.64 22.50
C ALA C 180 8.42 -23.75 22.34
N THR C 181 7.97 -24.99 22.45
CA THR C 181 8.88 -26.13 22.38
C THR C 181 8.95 -26.66 20.95
N LYS C 182 9.74 -27.72 20.78
CA LYS C 182 9.82 -28.39 19.49
C LYS C 182 8.57 -29.19 19.18
N PHE C 183 7.69 -29.39 20.14
CA PHE C 183 6.43 -30.08 19.89
C PHE C 183 5.36 -29.15 19.36
N HIS C 184 5.47 -27.85 19.61
CA HIS C 184 4.44 -26.92 19.19
C HIS C 184 4.62 -26.55 17.72
N SER C 185 3.68 -25.76 17.22
CA SER C 185 3.56 -25.50 15.80
C SER C 185 2.79 -24.19 15.62
N GLY C 186 2.86 -23.65 14.42
CA GLY C 186 2.14 -22.43 14.15
C GLY C 186 3.08 -21.26 13.95
N ALA C 187 2.60 -20.26 13.22
CA ALA C 187 3.41 -19.13 12.79
C ALA C 187 2.68 -17.84 13.02
N LEU C 188 3.45 -16.78 13.24
CA LEU C 188 2.96 -15.42 13.38
C LEU C 188 3.53 -14.55 12.27
N ILE C 189 2.83 -13.47 11.97
CA ILE C 189 3.32 -12.42 11.10
C ILE C 189 3.46 -11.18 11.94
N VAL C 190 4.68 -10.69 12.11
CA VAL C 190 4.93 -9.47 12.86
C VAL C 190 5.25 -8.39 11.85
N ALA C 191 4.33 -7.44 11.66
CA ALA C 191 4.47 -6.41 10.64
C ALA C 191 4.33 -5.04 11.28
N VAL C 192 4.98 -4.06 10.68
CA VAL C 192 4.91 -2.68 11.11
C VAL C 192 4.36 -1.87 9.95
N ILE C 193 3.15 -1.36 10.10
CA ILE C 193 2.45 -0.64 9.04
C ILE C 193 2.57 0.85 9.31
N PRO C 194 3.22 1.62 8.45
CA PRO C 194 3.14 3.09 8.55
C PRO C 194 1.74 3.56 8.22
N GLU C 195 1.20 4.44 9.05
CA GLU C 195 -0.11 5.04 8.86
C GLU C 195 -1.16 3.96 8.60
N HIS C 196 -1.44 3.17 9.63
CA HIS C 196 -2.43 2.11 9.51
C HIS C 196 -3.75 2.68 9.93
N GLN C 197 -4.62 2.93 8.96
CA GLN C 197 -5.88 3.63 9.18
C GLN C 197 -6.98 2.59 9.27
N LEU C 198 -7.57 2.45 10.45
CA LEU C 198 -8.53 1.40 10.68
C LEU C 198 -9.86 1.70 10.00
N ALA C 199 -10.55 0.64 9.60
CA ALA C 199 -11.90 0.74 9.08
C ALA C 199 -12.90 0.64 10.21
N TYR C 200 -13.99 1.39 10.10
CA TYR C 200 -15.04 1.27 11.10
C TYR C 200 -15.75 -0.05 10.97
N VAL C 201 -16.24 -0.56 12.11
CA VAL C 201 -16.65 -1.95 12.25
C VAL C 201 -17.78 -2.34 11.31
N GLY C 202 -18.44 -1.38 10.68
CA GLY C 202 -19.32 -1.74 9.59
C GLY C 202 -20.35 -0.67 9.31
N GLY C 203 -21.09 -0.88 8.24
CA GLY C 203 -22.26 -0.09 7.93
C GLY C 203 -22.02 1.35 7.54
N VAL C 204 -22.62 2.26 8.31
CA VAL C 204 -22.76 3.66 7.97
C VAL C 204 -21.42 4.39 8.03
N LYS C 205 -21.45 5.70 7.79
CA LYS C 205 -20.23 6.50 7.71
C LYS C 205 -19.94 7.05 9.10
N VAL C 206 -18.87 6.55 9.71
CA VAL C 206 -18.48 6.94 11.06
C VAL C 206 -16.96 6.93 11.12
N ASN C 207 -16.39 7.90 11.82
CA ASN C 207 -14.98 7.86 12.12
C ASN C 207 -14.78 7.01 13.37
N VAL C 208 -13.80 6.10 13.32
CA VAL C 208 -13.49 5.32 14.52
C VAL C 208 -13.11 6.28 15.64
N GLY C 209 -13.50 5.94 16.86
CA GLY C 209 -13.31 6.84 17.97
C GLY C 209 -11.85 7.05 18.30
N TYR C 210 -11.56 8.21 18.91
CA TYR C 210 -10.20 8.48 19.35
C TYR C 210 -9.74 7.45 20.36
N ASP C 211 -10.67 6.93 21.17
CA ASP C 211 -10.30 6.04 22.25
C ASP C 211 -10.04 4.62 21.77
N HIS C 212 -10.73 4.17 20.74
CA HIS C 212 -10.56 2.81 20.28
C HIS C 212 -9.31 2.61 19.44
N THR C 213 -8.80 3.67 18.84
CA THR C 213 -7.55 3.61 18.10
C THR C 213 -6.36 4.05 18.94
N HIS C 214 -6.58 4.43 20.19
CA HIS C 214 -5.53 4.75 21.14
C HIS C 214 -5.68 3.88 22.38
N PRO C 215 -5.50 2.56 22.24
CA PRO C 215 -5.80 1.65 23.35
C PRO C 215 -4.81 1.72 24.50
N GLY C 216 -3.63 2.30 24.31
CA GLY C 216 -2.60 2.24 25.33
C GLY C 216 -1.65 1.09 25.09
N GLN C 217 -1.01 0.62 26.16
CA GLN C 217 -0.07 -0.48 25.99
C GLN C 217 -0.77 -1.79 25.70
N SER C 218 -2.00 -1.95 26.18
CA SER C 218 -2.70 -3.21 26.03
C SER C 218 -2.99 -3.52 24.57
N GLY C 219 -2.88 -2.53 23.69
CA GLY C 219 -3.15 -2.78 22.31
C GLY C 219 -4.60 -3.17 22.11
N HIS C 220 -4.85 -3.84 21.00
CA HIS C 220 -6.20 -4.24 20.64
C HIS C 220 -6.19 -5.69 20.19
N GLN C 221 -6.92 -6.54 20.89
CA GLN C 221 -7.12 -7.91 20.48
C GLN C 221 -8.16 -7.94 19.38
N ILE C 222 -7.81 -8.52 18.23
CA ILE C 222 -8.76 -8.63 17.12
C ILE C 222 -9.70 -9.78 17.44
N ARG C 223 -10.97 -9.48 17.67
CA ARG C 223 -11.93 -10.50 18.06
C ARG C 223 -12.84 -10.97 16.94
N GLY C 224 -12.72 -10.42 15.74
CA GLY C 224 -13.66 -10.76 14.68
C GLY C 224 -13.06 -11.65 13.62
N PRO C 225 -13.71 -11.73 12.46
CA PRO C 225 -14.97 -11.09 12.05
C PRO C 225 -16.23 -11.81 12.51
N SER C 226 -17.31 -11.06 12.69
CA SER C 226 -18.64 -11.62 12.86
C SER C 226 -19.66 -10.57 12.48
N GLN C 227 -20.86 -11.02 12.14
CA GLN C 227 -21.98 -10.12 11.97
C GLN C 227 -22.51 -9.59 13.29
N SER C 228 -22.10 -10.19 14.41
CA SER C 228 -22.56 -9.79 15.73
C SER C 228 -21.65 -8.79 16.42
N ASN C 229 -20.47 -8.51 15.86
CA ASN C 229 -19.57 -7.53 16.46
C ASN C 229 -20.28 -6.21 16.70
N ASP C 230 -20.02 -5.61 17.85
CA ASP C 230 -20.72 -4.39 18.24
C ASP C 230 -20.35 -3.23 17.32
N ARG C 231 -21.34 -2.46 16.93
CA ARG C 231 -21.12 -1.22 16.18
C ARG C 231 -21.58 -0.07 17.06
N SER C 232 -20.64 0.66 17.66
CA SER C 232 -20.96 1.87 18.40
C SER C 232 -19.69 2.67 18.57
N GLY C 233 -19.86 3.97 18.80
CA GLY C 233 -18.75 4.83 19.18
C GLY C 233 -17.53 4.74 18.27
N GLY C 234 -17.75 4.36 17.02
CA GLY C 234 -16.64 4.22 16.11
C GLY C 234 -15.70 3.08 16.47
N LYS C 235 -16.20 1.92 16.57
CA LYS C 235 -15.22 0.91 16.93
C LYS C 235 -14.51 0.37 15.70
N PRO C 236 -13.23 0.00 15.84
CA PRO C 236 -12.44 -0.39 14.67
C PRO C 236 -12.86 -1.73 14.13
N ASP C 237 -12.40 -2.01 12.90
CA ASP C 237 -12.73 -3.26 12.26
C ASP C 237 -12.00 -4.41 12.93
N GLU C 238 -12.71 -5.51 13.13
CA GLU C 238 -12.19 -6.70 13.81
C GLU C 238 -11.73 -7.79 12.86
N ASP C 239 -11.67 -7.56 11.55
CA ASP C 239 -11.36 -8.64 10.61
C ASP C 239 -9.87 -8.68 10.31
N PRO C 240 -9.15 -9.73 10.71
CA PRO C 240 -7.69 -9.77 10.47
C PRO C 240 -7.30 -10.01 9.01
N LEU C 241 -8.15 -10.68 8.22
CA LEU C 241 -7.77 -11.00 6.84
C LEU C 241 -7.61 -9.74 6.00
N PHE C 242 -8.50 -8.77 6.19
CA PHE C 242 -8.47 -7.54 5.42
C PHE C 242 -7.62 -6.48 6.07
N ASN C 243 -6.83 -6.84 7.09
CA ASN C 243 -5.92 -5.95 7.78
C ASN C 243 -6.66 -4.84 8.50
N CYS C 244 -7.95 -5.05 8.74
CA CYS C 244 -8.82 -4.08 9.38
C CYS C 244 -8.99 -2.83 8.52
N ASN C 245 -8.15 -2.64 7.51
CA ASN C 245 -8.27 -1.54 6.58
C ASN C 245 -8.84 -1.91 5.23
N GLY C 246 -9.10 -3.17 4.96
CA GLY C 246 -9.63 -3.58 3.67
C GLY C 246 -8.64 -4.06 2.65
N THR C 247 -7.43 -4.45 3.06
CA THR C 247 -6.40 -4.97 2.17
C THR C 247 -5.93 -6.30 2.69
N LEU C 248 -5.73 -7.27 1.80
CA LEU C 248 -5.54 -8.66 2.22
C LEU C 248 -4.28 -8.86 3.06
N LEU C 249 -4.33 -9.87 3.93
CA LEU C 249 -3.11 -10.45 4.42
C LEU C 249 -2.38 -11.18 3.31
N GLY C 250 -1.10 -11.40 3.51
CA GLY C 250 -0.26 -11.97 2.51
C GLY C 250 0.29 -10.94 1.57
N ASN C 251 -0.40 -9.82 1.42
CA ASN C 251 0.18 -8.61 0.87
C ASN C 251 0.72 -7.72 1.97
N ILE C 252 0.52 -8.11 3.22
CA ILE C 252 1.08 -7.40 4.36
C ILE C 252 2.59 -7.49 4.40
N THR C 253 3.18 -8.29 3.52
CA THR C 253 4.62 -8.45 3.44
C THR C 253 5.30 -7.28 2.75
N ILE C 254 4.54 -6.35 2.17
CA ILE C 254 5.13 -5.17 1.56
C ILE C 254 5.67 -4.21 2.63
N PHE C 255 5.13 -4.28 3.83
CA PHE C 255 5.64 -3.51 4.95
C PHE C 255 6.83 -4.22 5.56
N PRO C 256 7.58 -3.55 6.43
CA PRO C 256 8.61 -4.26 7.20
C PRO C 256 7.97 -5.32 8.08
N HIS C 257 8.48 -6.53 7.99
CA HIS C 257 7.83 -7.63 8.70
C HIS C 257 8.83 -8.73 8.97
N GLN C 258 8.48 -9.60 9.90
CA GLN C 258 9.11 -10.89 10.05
C GLN C 258 8.05 -11.94 10.32
N ILE C 259 8.35 -13.17 9.93
CA ILE C 259 7.48 -14.31 10.16
C ILE C 259 8.14 -15.19 11.20
N ILE C 260 7.48 -15.33 12.35
CA ILE C 260 7.99 -16.15 13.43
C ILE C 260 7.39 -17.54 13.27
N ASN C 261 8.22 -18.50 12.95
CA ASN C 261 7.78 -19.88 12.74
C ASN C 261 8.32 -20.70 13.91
N LEU C 262 7.42 -21.30 14.70
CA LEU C 262 7.88 -21.98 15.89
C LEU C 262 8.74 -23.20 15.59
N ARG C 263 8.82 -23.60 14.33
CA ARG C 263 9.77 -24.63 13.93
C ARG C 263 11.17 -24.08 13.78
N THR C 264 11.31 -22.75 13.63
CA THR C 264 12.58 -22.14 13.28
C THR C 264 13.03 -21.15 14.34
N ASN C 265 12.40 -19.99 14.45
CA ASN C 265 12.83 -18.93 15.34
C ASN C 265 11.74 -18.59 16.33
N ASN C 266 12.15 -18.20 17.53
CA ASN C 266 11.23 -17.79 18.58
C ASN C 266 11.01 -16.30 18.67
N SER C 267 11.79 -15.47 18.00
CA SER C 267 11.75 -14.04 18.27
C SER C 267 11.87 -13.25 16.97
N SER C 268 11.80 -11.93 17.13
CA SER C 268 11.75 -11.00 16.00
C SER C 268 12.35 -9.68 16.44
N THR C 269 12.97 -8.97 15.49
CA THR C 269 13.44 -7.63 15.77
C THR C 269 13.29 -6.79 14.50
N ILE C 270 12.76 -5.59 14.64
CA ILE C 270 12.50 -4.69 13.52
C ILE C 270 12.96 -3.31 13.93
N VAL C 271 13.74 -2.66 13.08
CA VAL C 271 14.25 -1.32 13.35
C VAL C 271 13.61 -0.37 12.36
N VAL C 272 12.71 0.48 12.82
CA VAL C 272 12.00 1.44 11.97
C VAL C 272 12.60 2.83 12.17
N PRO C 273 12.91 3.54 11.11
CA PRO C 273 13.20 4.97 11.24
C PRO C 273 11.92 5.76 11.51
N TYR C 274 11.99 7.08 11.42
CA TYR C 274 10.81 7.91 11.58
C TYR C 274 10.22 8.15 10.20
N ILE C 275 9.05 7.58 9.94
CA ILE C 275 8.34 7.74 8.67
C ILE C 275 7.21 8.72 8.89
N ASN C 276 7.22 9.81 8.12
CA ASN C 276 6.16 10.81 8.12
C ASN C 276 6.54 11.87 7.09
N CYS C 277 5.54 12.62 6.64
CA CYS C 277 5.79 13.73 5.73
C CYS C 277 6.38 14.92 6.45
N VAL C 278 6.03 15.07 7.72
CA VAL C 278 6.37 16.20 8.55
C VAL C 278 7.65 15.90 9.31
N PRO C 279 8.49 16.88 9.63
CA PRO C 279 9.64 16.57 10.50
C PRO C 279 9.23 16.11 11.88
N MET C 280 8.24 16.74 12.50
CA MET C 280 7.76 16.36 13.81
C MET C 280 6.25 16.54 13.88
N ASP C 281 5.58 15.58 14.51
CA ASP C 281 4.14 15.67 14.66
C ASP C 281 3.82 15.55 16.16
N ASN C 282 2.53 15.46 16.49
CA ASN C 282 2.11 15.70 17.88
C ASN C 282 2.49 14.52 18.79
N MET C 283 2.34 13.29 18.30
CA MET C 283 2.48 12.03 19.05
C MET C 283 1.31 11.69 19.95
N LEU C 284 0.49 12.66 20.32
CA LEU C 284 -0.75 12.28 20.97
C LEU C 284 -1.86 12.01 19.97
N LYS C 285 -1.99 12.88 18.96
CA LYS C 285 -3.05 12.73 17.98
C LYS C 285 -2.68 11.74 16.88
N HIS C 286 -1.45 11.81 16.39
CA HIS C 286 -1.04 11.07 15.21
C HIS C 286 -0.21 9.86 15.61
N ASN C 287 -0.68 8.68 15.26
CA ASN C 287 0.06 7.44 15.44
C ASN C 287 0.66 7.05 14.09
N ASN C 288 1.96 7.22 13.95
CA ASN C 288 2.59 7.04 12.65
C ASN C 288 3.05 5.62 12.41
N LEU C 289 2.78 4.69 13.33
CA LEU C 289 3.09 3.28 13.09
C LEU C 289 2.03 2.41 13.74
N SER C 290 2.03 1.16 13.34
CA SER C 290 1.21 0.13 13.97
C SER C 290 2.01 -1.15 14.01
N LEU C 291 2.00 -1.82 15.14
CA LEU C 291 2.62 -3.13 15.27
C LEU C 291 1.50 -4.16 15.24
N VAL C 292 1.44 -4.93 14.17
CA VAL C 292 0.40 -5.92 13.95
C VAL C 292 1.00 -7.30 14.04
N ILE C 293 0.38 -8.17 14.82
CA ILE C 293 0.85 -9.54 15.01
C ILE C 293 -0.33 -10.47 14.72
N ILE C 294 -0.24 -11.22 13.63
CA ILE C 294 -1.34 -12.03 13.12
C ILE C 294 -0.94 -13.50 13.19
N PRO C 295 -1.70 -14.34 13.87
CA PRO C 295 -1.46 -15.78 13.81
C PRO C 295 -1.77 -16.37 12.44
N LEU C 296 -0.82 -16.22 11.51
CA LEU C 296 -0.95 -16.73 10.15
C LEU C 296 -1.35 -18.20 10.11
N VAL C 297 -0.71 -19.05 10.91
CA VAL C 297 -1.11 -20.46 11.02
C VAL C 297 -1.42 -20.66 12.49
N PRO C 298 -2.47 -21.38 12.87
CA PRO C 298 -2.84 -21.42 14.28
C PRO C 298 -1.78 -22.10 15.13
N LEU C 299 -2.00 -22.05 16.43
CA LEU C 299 -1.09 -22.68 17.38
C LEU C 299 -1.61 -24.08 17.68
N ARG C 300 -0.88 -25.10 17.26
CA ARG C 300 -1.28 -26.45 17.60
C ARG C 300 -0.31 -27.04 18.61
N PRO C 301 -0.77 -27.48 19.77
CA PRO C 301 0.11 -28.24 20.65
C PRO C 301 0.43 -29.59 20.05
N GLY C 302 1.62 -30.08 20.37
CA GLY C 302 2.04 -31.40 19.95
C GLY C 302 1.58 -32.43 20.94
N SER C 303 2.41 -33.46 21.15
CA SER C 303 2.21 -34.35 22.28
C SER C 303 2.12 -33.59 23.59
N SER C 304 2.67 -32.38 23.66
CA SER C 304 2.59 -31.55 24.86
C SER C 304 1.15 -31.15 25.14
N GLY C 305 0.90 -30.75 26.38
CA GLY C 305 -0.45 -30.37 26.75
C GLY C 305 -0.65 -28.88 26.89
N ILE C 306 0.26 -28.09 26.34
CA ILE C 306 0.23 -26.64 26.50
C ILE C 306 -0.58 -26.06 25.34
N ASN C 307 -1.74 -25.48 25.66
CA ASN C 307 -2.64 -24.98 24.65
C ASN C 307 -2.42 -23.52 24.29
N SER C 308 -1.61 -22.79 25.05
CA SER C 308 -1.41 -21.37 24.80
C SER C 308 -0.02 -20.96 25.23
N VAL C 309 0.54 -19.98 24.53
CA VAL C 309 1.89 -19.50 24.79
C VAL C 309 1.86 -17.97 24.83
N PRO C 310 2.60 -17.33 25.73
CA PRO C 310 2.64 -15.87 25.73
C PRO C 310 3.46 -15.31 24.57
N ILE C 311 2.98 -14.20 24.04
CA ILE C 311 3.73 -13.38 23.11
C ILE C 311 4.07 -12.09 23.82
N THR C 312 5.34 -11.71 23.84
CA THR C 312 5.78 -10.51 24.51
C THR C 312 6.39 -9.55 23.51
N VAL C 313 6.11 -8.27 23.70
CA VAL C 313 6.56 -7.21 22.82
C VAL C 313 7.40 -6.24 23.63
N THR C 314 8.55 -5.85 23.10
CA THR C 314 9.47 -4.95 23.78
C THR C 314 9.82 -3.84 22.80
N ILE C 315 9.43 -2.61 23.11
CA ILE C 315 9.60 -1.48 22.20
C ILE C 315 10.66 -0.55 22.78
N ALA C 316 11.60 -0.14 21.95
CA ALA C 316 12.61 0.85 22.36
C ALA C 316 12.50 2.11 21.52
N PRO C 317 12.10 3.24 22.09
CA PRO C 317 12.27 4.50 21.37
C PRO C 317 13.73 4.70 21.04
N TYR C 318 14.01 5.14 19.83
CA TYR C 318 15.39 5.29 19.43
C TYR C 318 15.53 6.56 18.61
N LYS C 319 16.51 7.38 18.95
CA LYS C 319 16.74 8.67 18.28
C LYS C 319 15.49 9.53 18.34
N SER C 320 14.94 9.66 19.54
CA SER C 320 13.74 10.45 19.78
C SER C 320 14.09 11.90 20.06
N GLU C 321 13.25 12.80 19.54
CA GLU C 321 13.45 14.24 19.63
C GLU C 321 12.14 14.90 20.01
N PHE C 322 12.20 15.88 20.89
CA PHE C 322 11.02 16.60 21.33
C PHE C 322 11.27 18.09 21.26
N SER C 323 10.23 18.84 20.89
CA SER C 323 10.34 20.28 20.78
C SER C 323 8.98 20.89 21.05
N GLY C 324 8.97 22.18 21.32
CA GLY C 324 7.74 22.87 21.66
C GLY C 324 7.24 22.55 23.04
N ALA C 325 8.08 22.75 24.05
CA ALA C 325 7.70 22.41 25.42
C ALA C 325 6.55 23.28 25.91
N MET C 326 5.66 22.68 26.68
CA MET C 326 4.50 23.36 27.23
C MET C 326 4.07 22.67 28.52
N GLU C 327 2.93 23.08 29.05
CA GLU C 327 2.27 22.32 30.12
C GLU C 327 1.82 20.96 29.59
N ALA C 328 1.80 19.98 30.47
CA ALA C 328 1.44 18.63 30.07
C ALA C 328 0.08 18.63 29.39
N GLN C 329 0.05 18.14 28.17
CA GLN C 329 -1.17 18.00 27.40
C GLN C 329 -2.13 17.02 28.05
N ARG C 330 -1.66 16.32 29.07
CA ARG C 330 -2.48 15.42 29.85
C ARG C 330 -3.74 16.14 30.33
N GLN C 331 -4.88 15.46 30.22
CA GLN C 331 -6.17 16.08 30.50
C GLN C 331 -6.25 16.65 31.91
#